data_2YWK
# 
_entry.id   2YWK 
# 
_audit_conform.dict_name       mmcif_pdbx.dic 
_audit_conform.dict_version    5.398 
_audit_conform.dict_location   http://mmcif.pdb.org/dictionaries/ascii/mmcif_pdbx.dic 
# 
loop_
_database_2.database_id 
_database_2.database_code 
_database_2.pdbx_database_accession 
_database_2.pdbx_DOI 
PDB   2YWK         pdb_00002ywk 10.2210/pdb2ywk/pdb 
RCSB  RCSB027224   ?            ?                   
WWPDB D_1000027224 ?            ?                   
# 
loop_
_pdbx_audit_revision_history.ordinal 
_pdbx_audit_revision_history.data_content_type 
_pdbx_audit_revision_history.major_revision 
_pdbx_audit_revision_history.minor_revision 
_pdbx_audit_revision_history.revision_date 
1 'Structure model' 1 0 2008-04-22 
2 'Structure model' 1 1 2011-07-13 
3 'Structure model' 1 2 2017-10-11 
4 'Structure model' 1 3 2023-10-25 
5 'Structure model' 1 4 2023-11-15 
6 'Structure model' 1 5 2024-10-30 
# 
_pdbx_audit_revision_details.ordinal             1 
_pdbx_audit_revision_details.revision_ordinal    1 
_pdbx_audit_revision_details.data_content_type   'Structure model' 
_pdbx_audit_revision_details.provider            repository 
_pdbx_audit_revision_details.type                'Initial release' 
_pdbx_audit_revision_details.description         ? 
_pdbx_audit_revision_details.details             ? 
# 
loop_
_pdbx_audit_revision_group.ordinal 
_pdbx_audit_revision_group.revision_ordinal 
_pdbx_audit_revision_group.data_content_type 
_pdbx_audit_revision_group.group 
1 2 'Structure model' 'Version format compliance' 
2 3 'Structure model' 'Refinement description'    
3 4 'Structure model' 'Data collection'           
4 4 'Structure model' 'Database references'       
5 4 'Structure model' 'Refinement description'    
6 5 'Structure model' 'Data collection'           
7 6 'Structure model' 'Structure summary'         
# 
loop_
_pdbx_audit_revision_category.ordinal 
_pdbx_audit_revision_category.revision_ordinal 
_pdbx_audit_revision_category.data_content_type 
_pdbx_audit_revision_category.category 
1 3 'Structure model' software                      
2 4 'Structure model' chem_comp_atom                
3 4 'Structure model' chem_comp_bond                
4 4 'Structure model' database_2                    
5 4 'Structure model' pdbx_initial_refinement_model 
6 4 'Structure model' struct_ref_seq_dif            
7 5 'Structure model' chem_comp_atom                
8 5 'Structure model' chem_comp_bond                
9 6 'Structure model' pdbx_entry_details            
# 
loop_
_pdbx_audit_revision_item.ordinal 
_pdbx_audit_revision_item.revision_ordinal 
_pdbx_audit_revision_item.data_content_type 
_pdbx_audit_revision_item.item 
1 3 'Structure model' '_software.name'                      
2 4 'Structure model' '_database_2.pdbx_DOI'                
3 4 'Structure model' '_database_2.pdbx_database_accession' 
4 4 'Structure model' '_struct_ref_seq_dif.details'         
5 5 'Structure model' '_chem_comp_atom.atom_id'             
6 5 'Structure model' '_chem_comp_bond.atom_id_2'           
# 
_pdbx_database_status.status_code                     REL 
_pdbx_database_status.entry_id                        2YWK 
_pdbx_database_status.recvd_initial_deposition_date   2007-04-20 
_pdbx_database_status.deposit_site                    PDBJ 
_pdbx_database_status.process_site                    PDBJ 
_pdbx_database_status.status_code_sf                  REL 
_pdbx_database_status.status_code_mr                  ? 
_pdbx_database_status.SG_entry                        Y 
_pdbx_database_status.pdb_format_compatible           Y 
_pdbx_database_status.status_code_cs                  ? 
_pdbx_database_status.methods_development_category    ? 
_pdbx_database_status.status_code_nmr_data            ? 
# 
_pdbx_database_related.db_name        TargetDB 
_pdbx_database_related.db_id          hsi002022581.2 
_pdbx_database_related.details        . 
_pdbx_database_related.content_type   unspecified 
# 
loop_
_audit_author.name 
_audit_author.pdbx_ordinal 
'Kawazoe, M.'                                            1  
'Takemoto, C.'                                           2  
'Kaminishi, T.'                                          3  
'Uchikubo-Kamo, T.'                                      4  
'Nishino, A.'                                            5  
'Morita, S.'                                             6  
'Terada, T.'                                             7  
'Shirouzu, M.'                                           8  
'Yokoyama, S.'                                           9  
'RIKEN Structural Genomics/Proteomics Initiative (RSGI)' 10 
# 
_citation.id                        primary 
_citation.title                     'Crystal structure of RRM-domain derived from human putative RNA-binding protein 11' 
_citation.journal_abbrev            'To be Published' 
_citation.journal_volume            ? 
_citation.page_first                ? 
_citation.page_last                 ? 
_citation.year                      ? 
_citation.journal_id_ASTM           ? 
_citation.country                   ? 
_citation.journal_id_ISSN           ? 
_citation.journal_id_CSD            0353 
_citation.book_publisher            ? 
_citation.pdbx_database_id_PubMed   ? 
_citation.pdbx_database_id_DOI      ? 
# 
loop_
_citation_author.citation_id 
_citation_author.name 
_citation_author.ordinal 
_citation_author.identifier_ORCID 
primary 'Kawazoe, M.'       1 ? 
primary 'Takemoto, C.'      2 ? 
primary 'Kaminishi, T.'     3 ? 
primary 'Uchikubo-Kamo, T.' 4 ? 
primary 'Nishino, A.'       5 ? 
primary 'Morita, S.'        6 ? 
primary 'Terada, T.'        7 ? 
primary 'Shirouzu, M.'      8 ? 
primary 'Yokoyama, S.'      9 ? 
# 
loop_
_entity.id 
_entity.type 
_entity.src_method 
_entity.pdbx_description 
_entity.formula_weight 
_entity.pdbx_number_of_molecules 
_entity.pdbx_ec 
_entity.pdbx_mutation 
_entity.pdbx_fragment 
_entity.details 
1 polymer man 'Putative RNA-binding protein 11' 10339.598 1  ? ? RRM-domain ? 
2 water   nat water                             18.015    80 ? ? ?          ? 
# 
_entity_name_com.entity_id   1 
_entity_name_com.name        'RNA-binding motif protein 11' 
# 
_entity_poly.entity_id                      1 
_entity_poly.type                           'polypeptide(L)' 
_entity_poly.nstd_linkage                   no 
_entity_poly.nstd_monomer                   yes 
_entity_poly.pdbx_seq_one_letter_code       
;GSSGSSG(MSE)FPAQEEADRTVFVGNLEARVREEILYELFLQAGPLTKVTICKDREGKPKSFGFVCFKHPESVSYAIAL
LNGIRLYGRPINVSGPSSG
;
_entity_poly.pdbx_seq_one_letter_code_can   
;GSSGSSGMFPAQEEADRTVFVGNLEARVREEILYELFLQAGPLTKVTICKDREGKPKSFGFVCFKHPESVSYAIALLNGI
RLYGRPINVSGPSSG
;
_entity_poly.pdbx_strand_id                 A 
_entity_poly.pdbx_target_identifier         hsi002022581.2 
# 
_pdbx_entity_nonpoly.entity_id   2 
_pdbx_entity_nonpoly.name        water 
_pdbx_entity_nonpoly.comp_id     HOH 
# 
loop_
_entity_poly_seq.entity_id 
_entity_poly_seq.num 
_entity_poly_seq.mon_id 
_entity_poly_seq.hetero 
1 1  GLY n 
1 2  SER n 
1 3  SER n 
1 4  GLY n 
1 5  SER n 
1 6  SER n 
1 7  GLY n 
1 8  MSE n 
1 9  PHE n 
1 10 PRO n 
1 11 ALA n 
1 12 GLN n 
1 13 GLU n 
1 14 GLU n 
1 15 ALA n 
1 16 ASP n 
1 17 ARG n 
1 18 THR n 
1 19 VAL n 
1 20 PHE n 
1 21 VAL n 
1 22 GLY n 
1 23 ASN n 
1 24 LEU n 
1 25 GLU n 
1 26 ALA n 
1 27 ARG n 
1 28 VAL n 
1 29 ARG n 
1 30 GLU n 
1 31 GLU n 
1 32 ILE n 
1 33 LEU n 
1 34 TYR n 
1 35 GLU n 
1 36 LEU n 
1 37 PHE n 
1 38 LEU n 
1 39 GLN n 
1 40 ALA n 
1 41 GLY n 
1 42 PRO n 
1 43 LEU n 
1 44 THR n 
1 45 LYS n 
1 46 VAL n 
1 47 THR n 
1 48 ILE n 
1 49 CYS n 
1 50 LYS n 
1 51 ASP n 
1 52 ARG n 
1 53 GLU n 
1 54 GLY n 
1 55 LYS n 
1 56 PRO n 
1 57 LYS n 
1 58 SER n 
1 59 PHE n 
1 60 GLY n 
1 61 PHE n 
1 62 VAL n 
1 63 CYS n 
1 64 PHE n 
1 65 LYS n 
1 66 HIS n 
1 67 PRO n 
1 68 GLU n 
1 69 SER n 
1 70 VAL n 
1 71 SER n 
1 72 TYR n 
1 73 ALA n 
1 74 ILE n 
1 75 ALA n 
1 76 LEU n 
1 77 LEU n 
1 78 ASN n 
1 79 GLY n 
1 80 ILE n 
1 81 ARG n 
1 82 LEU n 
1 83 TYR n 
1 84 GLY n 
1 85 ARG n 
1 86 PRO n 
1 87 ILE n 
1 88 ASN n 
1 89 VAL n 
1 90 SER n 
1 91 GLY n 
1 92 PRO n 
1 93 SER n 
1 94 SER n 
1 95 GLY n 
# 
_entity_src_gen.entity_id                          1 
_entity_src_gen.pdbx_src_id                        1 
_entity_src_gen.pdbx_alt_source_flag               sample 
_entity_src_gen.pdbx_seq_type                      ? 
_entity_src_gen.pdbx_beg_seq_num                   ? 
_entity_src_gen.pdbx_end_seq_num                   ? 
_entity_src_gen.gene_src_common_name               human 
_entity_src_gen.gene_src_genus                     Homo 
_entity_src_gen.pdbx_gene_src_gene                 RBM11 
_entity_src_gen.gene_src_species                   ? 
_entity_src_gen.gene_src_strain                    ? 
_entity_src_gen.gene_src_tissue                    ? 
_entity_src_gen.gene_src_tissue_fraction           ? 
_entity_src_gen.gene_src_details                   ? 
_entity_src_gen.pdbx_gene_src_fragment             ? 
_entity_src_gen.pdbx_gene_src_scientific_name      'Homo sapiens' 
_entity_src_gen.pdbx_gene_src_ncbi_taxonomy_id     9606 
_entity_src_gen.pdbx_gene_src_variant              ? 
_entity_src_gen.pdbx_gene_src_cell_line            ? 
_entity_src_gen.pdbx_gene_src_atcc                 ? 
_entity_src_gen.pdbx_gene_src_organ                ? 
_entity_src_gen.pdbx_gene_src_organelle            ? 
_entity_src_gen.pdbx_gene_src_cell                 ? 
_entity_src_gen.pdbx_gene_src_cellular_location    ? 
_entity_src_gen.host_org_common_name               ? 
_entity_src_gen.pdbx_host_org_scientific_name      ? 
_entity_src_gen.pdbx_host_org_ncbi_taxonomy_id     ? 
_entity_src_gen.host_org_genus                     ? 
_entity_src_gen.pdbx_host_org_gene                 ? 
_entity_src_gen.pdbx_host_org_organ                ? 
_entity_src_gen.host_org_species                   ? 
_entity_src_gen.pdbx_host_org_tissue               ? 
_entity_src_gen.pdbx_host_org_tissue_fraction      ? 
_entity_src_gen.pdbx_host_org_strain               ? 
_entity_src_gen.pdbx_host_org_variant              ? 
_entity_src_gen.pdbx_host_org_cell_line            ? 
_entity_src_gen.pdbx_host_org_atcc                 ? 
_entity_src_gen.pdbx_host_org_culture_collection   ? 
_entity_src_gen.pdbx_host_org_cell                 ? 
_entity_src_gen.pdbx_host_org_organelle            ? 
_entity_src_gen.pdbx_host_org_cellular_location    ? 
_entity_src_gen.pdbx_host_org_vector_type          PLASMID 
_entity_src_gen.pdbx_host_org_vector               ? 
_entity_src_gen.host_org_details                   ? 
_entity_src_gen.expression_system_id               ? 
_entity_src_gen.plasmid_name                       PK050711-13 
_entity_src_gen.plasmid_details                    ? 
_entity_src_gen.pdbx_description                   'Cell-free protein synthesis' 
# 
loop_
_chem_comp.id 
_chem_comp.type 
_chem_comp.mon_nstd_flag 
_chem_comp.name 
_chem_comp.pdbx_synonyms 
_chem_comp.formula 
_chem_comp.formula_weight 
ALA 'L-peptide linking' y ALANINE          ? 'C3 H7 N O2'     89.093  
ARG 'L-peptide linking' y ARGININE         ? 'C6 H15 N4 O2 1' 175.209 
ASN 'L-peptide linking' y ASPARAGINE       ? 'C4 H8 N2 O3'    132.118 
ASP 'L-peptide linking' y 'ASPARTIC ACID'  ? 'C4 H7 N O4'     133.103 
CYS 'L-peptide linking' y CYSTEINE         ? 'C3 H7 N O2 S'   121.158 
GLN 'L-peptide linking' y GLUTAMINE        ? 'C5 H10 N2 O3'   146.144 
GLU 'L-peptide linking' y 'GLUTAMIC ACID'  ? 'C5 H9 N O4'     147.129 
GLY 'peptide linking'   y GLYCINE          ? 'C2 H5 N O2'     75.067  
HIS 'L-peptide linking' y HISTIDINE        ? 'C6 H10 N3 O2 1' 156.162 
HOH non-polymer         . WATER            ? 'H2 O'           18.015  
ILE 'L-peptide linking' y ISOLEUCINE       ? 'C6 H13 N O2'    131.173 
LEU 'L-peptide linking' y LEUCINE          ? 'C6 H13 N O2'    131.173 
LYS 'L-peptide linking' y LYSINE           ? 'C6 H15 N2 O2 1' 147.195 
MSE 'L-peptide linking' n SELENOMETHIONINE ? 'C5 H11 N O2 Se' 196.106 
PHE 'L-peptide linking' y PHENYLALANINE    ? 'C9 H11 N O2'    165.189 
PRO 'L-peptide linking' y PROLINE          ? 'C5 H9 N O2'     115.130 
SER 'L-peptide linking' y SERINE           ? 'C3 H7 N O3'     105.093 
THR 'L-peptide linking' y THREONINE        ? 'C4 H9 N O3'     119.119 
TYR 'L-peptide linking' y TYROSINE         ? 'C9 H11 N O3'    181.189 
VAL 'L-peptide linking' y VALINE           ? 'C5 H11 N O2'    117.146 
# 
loop_
_pdbx_poly_seq_scheme.asym_id 
_pdbx_poly_seq_scheme.entity_id 
_pdbx_poly_seq_scheme.seq_id 
_pdbx_poly_seq_scheme.mon_id 
_pdbx_poly_seq_scheme.ndb_seq_num 
_pdbx_poly_seq_scheme.pdb_seq_num 
_pdbx_poly_seq_scheme.auth_seq_num 
_pdbx_poly_seq_scheme.pdb_mon_id 
_pdbx_poly_seq_scheme.auth_mon_id 
_pdbx_poly_seq_scheme.pdb_strand_id 
_pdbx_poly_seq_scheme.pdb_ins_code 
_pdbx_poly_seq_scheme.hetero 
A 1 1  GLY 1  -6 ?  ?   ?   A . n 
A 1 2  SER 2  -5 ?  ?   ?   A . n 
A 1 3  SER 3  -4 ?  ?   ?   A . n 
A 1 4  GLY 4  -3 ?  ?   ?   A . n 
A 1 5  SER 5  -2 ?  ?   ?   A . n 
A 1 6  SER 6  -1 ?  ?   ?   A . n 
A 1 7  GLY 7  0  ?  ?   ?   A . n 
A 1 8  MSE 8  1  ?  ?   ?   A . n 
A 1 9  PHE 9  2  ?  ?   ?   A . n 
A 1 10 PRO 10 3  ?  ?   ?   A . n 
A 1 11 ALA 11 4  ?  ?   ?   A . n 
A 1 12 GLN 12 5  5  GLN GLN A . n 
A 1 13 GLU 13 6  6  GLU GLU A . n 
A 1 14 GLU 14 7  7  GLU GLU A . n 
A 1 15 ALA 15 8  8  ALA ALA A . n 
A 1 16 ASP 16 9  9  ASP ASP A . n 
A 1 17 ARG 17 10 10 ARG ARG A . n 
A 1 18 THR 18 11 11 THR THR A . n 
A 1 19 VAL 19 12 12 VAL VAL A . n 
A 1 20 PHE 20 13 13 PHE PHE A . n 
A 1 21 VAL 21 14 14 VAL VAL A . n 
A 1 22 GLY 22 15 15 GLY GLY A . n 
A 1 23 ASN 23 16 16 ASN ASN A . n 
A 1 24 LEU 24 17 17 LEU LEU A . n 
A 1 25 GLU 25 18 18 GLU GLU A . n 
A 1 26 ALA 26 19 19 ALA ALA A . n 
A 1 27 ARG 27 20 20 ARG ARG A . n 
A 1 28 VAL 28 21 21 VAL VAL A . n 
A 1 29 ARG 29 22 22 ARG ARG A . n 
A 1 30 GLU 30 23 23 GLU GLU A . n 
A 1 31 GLU 31 24 24 GLU GLU A . n 
A 1 32 ILE 32 25 25 ILE ILE A . n 
A 1 33 LEU 33 26 26 LEU LEU A . n 
A 1 34 TYR 34 27 27 TYR TYR A . n 
A 1 35 GLU 35 28 28 GLU GLU A . n 
A 1 36 LEU 36 29 29 LEU LEU A . n 
A 1 37 PHE 37 30 30 PHE PHE A . n 
A 1 38 LEU 38 31 31 LEU LEU A . n 
A 1 39 GLN 39 32 32 GLN GLN A . n 
A 1 40 ALA 40 33 33 ALA ALA A . n 
A 1 41 GLY 41 34 34 GLY GLY A . n 
A 1 42 PRO 42 35 35 PRO PRO A . n 
A 1 43 LEU 43 36 36 LEU LEU A . n 
A 1 44 THR 44 37 37 THR THR A . n 
A 1 45 LYS 45 38 38 LYS LYS A . n 
A 1 46 VAL 46 39 39 VAL VAL A . n 
A 1 47 THR 47 40 40 THR THR A . n 
A 1 48 ILE 48 41 41 ILE ILE A . n 
A 1 49 CYS 49 42 42 CYS CYS A . n 
A 1 50 LYS 50 43 43 LYS LYS A . n 
A 1 51 ASP 51 44 44 ASP ASP A . n 
A 1 52 ARG 52 45 45 ARG ARG A . n 
A 1 53 GLU 53 46 46 GLU GLU A . n 
A 1 54 GLY 54 47 47 GLY GLY A . n 
A 1 55 LYS 55 48 48 LYS LYS A . n 
A 1 56 PRO 56 49 49 PRO PRO A . n 
A 1 57 LYS 57 50 50 LYS LYS A . n 
A 1 58 SER 58 51 51 SER SER A . n 
A 1 59 PHE 59 52 52 PHE PHE A . n 
A 1 60 GLY 60 53 53 GLY GLY A . n 
A 1 61 PHE 61 54 54 PHE PHE A . n 
A 1 62 VAL 62 55 55 VAL VAL A . n 
A 1 63 CYS 63 56 56 CYS CYS A . n 
A 1 64 PHE 64 57 57 PHE PHE A . n 
A 1 65 LYS 65 58 58 LYS LYS A . n 
A 1 66 HIS 66 59 59 HIS HIS A . n 
A 1 67 PRO 67 60 60 PRO PRO A . n 
A 1 68 GLU 68 61 61 GLU GLU A . n 
A 1 69 SER 69 62 62 SER SER A . n 
A 1 70 VAL 70 63 63 VAL VAL A . n 
A 1 71 SER 71 64 64 SER SER A . n 
A 1 72 TYR 72 65 65 TYR TYR A . n 
A 1 73 ALA 73 66 66 ALA ALA A . n 
A 1 74 ILE 74 67 67 ILE ILE A . n 
A 1 75 ALA 75 68 68 ALA ALA A . n 
A 1 76 LEU 76 69 69 LEU LEU A . n 
A 1 77 LEU 77 70 70 LEU LEU A . n 
A 1 78 ASN 78 71 71 ASN ASN A . n 
A 1 79 GLY 79 72 72 GLY GLY A . n 
A 1 80 ILE 80 73 73 ILE ILE A . n 
A 1 81 ARG 81 74 74 ARG ARG A . n 
A 1 82 LEU 82 75 75 LEU LEU A . n 
A 1 83 TYR 83 76 76 TYR TYR A . n 
A 1 84 GLY 84 77 77 GLY GLY A . n 
A 1 85 ARG 85 78 78 ARG ARG A . n 
A 1 86 PRO 86 79 79 PRO PRO A . n 
A 1 87 ILE 87 80 80 ILE ILE A . n 
A 1 88 ASN 88 81 81 ASN ASN A . n 
A 1 89 VAL 89 82 82 VAL VAL A . n 
A 1 90 SER 90 83 83 SER SER A . n 
A 1 91 GLY 91 84 84 GLY GLY A . n 
A 1 92 PRO 92 85 85 PRO PRO A . n 
A 1 93 SER 93 86 86 SER SER A . n 
A 1 94 SER 94 87 87 SER SER A . n 
A 1 95 GLY 95 88 88 GLY GLY A . n 
# 
loop_
_pdbx_nonpoly_scheme.asym_id 
_pdbx_nonpoly_scheme.entity_id 
_pdbx_nonpoly_scheme.mon_id 
_pdbx_nonpoly_scheme.ndb_seq_num 
_pdbx_nonpoly_scheme.pdb_seq_num 
_pdbx_nonpoly_scheme.auth_seq_num 
_pdbx_nonpoly_scheme.pdb_mon_id 
_pdbx_nonpoly_scheme.auth_mon_id 
_pdbx_nonpoly_scheme.pdb_strand_id 
_pdbx_nonpoly_scheme.pdb_ins_code 
B 2 HOH 1  89  101 HOH HOH A . 
B 2 HOH 2  90  102 HOH HOH A . 
B 2 HOH 3  91  103 HOH HOH A . 
B 2 HOH 4  92  104 HOH HOH A . 
B 2 HOH 5  93  105 HOH HOH A . 
B 2 HOH 6  94  106 HOH HOH A . 
B 2 HOH 7  95  107 HOH HOH A . 
B 2 HOH 8  96  108 HOH HOH A . 
B 2 HOH 9  97  109 HOH HOH A . 
B 2 HOH 10 98  110 HOH HOH A . 
B 2 HOH 11 99  111 HOH HOH A . 
B 2 HOH 12 100 112 HOH HOH A . 
B 2 HOH 13 101 113 HOH HOH A . 
B 2 HOH 14 102 114 HOH HOH A . 
B 2 HOH 15 103 115 HOH HOH A . 
B 2 HOH 16 104 116 HOH HOH A . 
B 2 HOH 17 105 117 HOH HOH A . 
B 2 HOH 18 106 118 HOH HOH A . 
B 2 HOH 19 107 119 HOH HOH A . 
B 2 HOH 20 108 120 HOH HOH A . 
B 2 HOH 21 109 121 HOH HOH A . 
B 2 HOH 22 110 122 HOH HOH A . 
B 2 HOH 23 111 123 HOH HOH A . 
B 2 HOH 24 112 124 HOH HOH A . 
B 2 HOH 25 113 125 HOH HOH A . 
B 2 HOH 26 114 126 HOH HOH A . 
B 2 HOH 27 115 127 HOH HOH A . 
B 2 HOH 28 116 128 HOH HOH A . 
B 2 HOH 29 117 129 HOH HOH A . 
B 2 HOH 30 118 130 HOH HOH A . 
B 2 HOH 31 119 131 HOH HOH A . 
B 2 HOH 32 120 132 HOH HOH A . 
B 2 HOH 33 121 133 HOH HOH A . 
B 2 HOH 34 122 134 HOH HOH A . 
B 2 HOH 35 123 135 HOH HOH A . 
B 2 HOH 36 124 136 HOH HOH A . 
B 2 HOH 37 125 137 HOH HOH A . 
B 2 HOH 38 126 138 HOH HOH A . 
B 2 HOH 39 127 139 HOH HOH A . 
B 2 HOH 40 128 140 HOH HOH A . 
B 2 HOH 41 129 141 HOH HOH A . 
B 2 HOH 42 130 142 HOH HOH A . 
B 2 HOH 43 131 143 HOH HOH A . 
B 2 HOH 44 132 144 HOH HOH A . 
B 2 HOH 45 133 145 HOH HOH A . 
B 2 HOH 46 134 146 HOH HOH A . 
B 2 HOH 47 135 147 HOH HOH A . 
B 2 HOH 48 136 148 HOH HOH A . 
B 2 HOH 49 137 149 HOH HOH A . 
B 2 HOH 50 138 150 HOH HOH A . 
B 2 HOH 51 139 151 HOH HOH A . 
B 2 HOH 52 140 152 HOH HOH A . 
B 2 HOH 53 141 153 HOH HOH A . 
B 2 HOH 54 142 154 HOH HOH A . 
B 2 HOH 55 143 155 HOH HOH A . 
B 2 HOH 56 144 156 HOH HOH A . 
B 2 HOH 57 145 157 HOH HOH A . 
B 2 HOH 58 146 158 HOH HOH A . 
B 2 HOH 59 147 159 HOH HOH A . 
B 2 HOH 60 148 160 HOH HOH A . 
B 2 HOH 61 149 161 HOH HOH A . 
B 2 HOH 62 150 162 HOH HOH A . 
B 2 HOH 63 151 163 HOH HOH A . 
B 2 HOH 64 152 164 HOH HOH A . 
B 2 HOH 65 153 165 HOH HOH A . 
B 2 HOH 66 154 166 HOH HOH A . 
B 2 HOH 67 155 167 HOH HOH A . 
B 2 HOH 68 156 168 HOH HOH A . 
B 2 HOH 69 157 169 HOH HOH A . 
B 2 HOH 70 158 170 HOH HOH A . 
B 2 HOH 71 159 171 HOH HOH A . 
B 2 HOH 72 160 172 HOH HOH A . 
B 2 HOH 73 161 173 HOH HOH A . 
B 2 HOH 74 162 174 HOH HOH A . 
B 2 HOH 75 163 175 HOH HOH A . 
B 2 HOH 76 164 176 HOH HOH A . 
B 2 HOH 77 165 177 HOH HOH A . 
B 2 HOH 78 166 178 HOH HOH A . 
B 2 HOH 79 167 179 HOH HOH A . 
B 2 HOH 80 168 180 HOH HOH A . 
# 
loop_
_software.name 
_software.classification 
_software.version 
_software.citation_id 
_software.pdbx_ordinal 
CNS       refinement        1.1 ? 1 
HKL-2000  'data collection' .   ? 2 
DENZO     'data reduction'  .   ? 3 
SCALEPACK 'data scaling'    .   ? 4 
PHASER    phasing           .   ? 5 
# 
_cell.entry_id           2YWK 
_cell.length_a           46.366 
_cell.length_b           46.366 
_cell.length_c           59.596 
_cell.angle_alpha        90.00 
_cell.angle_beta         90.00 
_cell.angle_gamma        120.00 
_cell.Z_PDB              6 
_cell.pdbx_unique_axis   ? 
_cell.length_a_esd       ? 
_cell.length_b_esd       ? 
_cell.length_c_esd       ? 
_cell.angle_alpha_esd    ? 
_cell.angle_beta_esd     ? 
_cell.angle_gamma_esd    ? 
# 
_symmetry.entry_id                         2YWK 
_symmetry.space_group_name_H-M             'P 31 2 1' 
_symmetry.pdbx_full_space_group_name_H-M   ? 
_symmetry.cell_setting                     ? 
_symmetry.Int_Tables_number                152 
_symmetry.space_group_name_Hall            ? 
# 
_exptl.entry_id          2YWK 
_exptl.method            'X-RAY DIFFRACTION' 
_exptl.crystals_number   1 
# 
_exptl_crystal.id                    1 
_exptl_crystal.density_meas          ? 
_exptl_crystal.density_Matthews      1.787452 
_exptl_crystal.density_percent_sol   31.186951 
_exptl_crystal.description           ? 
_exptl_crystal.F_000                 ? 
_exptl_crystal.preparation           ? 
# 
_exptl_crystal_grow.crystal_id      1 
_exptl_crystal_grow.method          'VAPOR DIFFUSION, SITTING DROP' 
_exptl_crystal_grow.temp            293 
_exptl_crystal_grow.temp_details    ? 
_exptl_crystal_grow.pH              5.0 
_exptl_crystal_grow.pdbx_details    
'1.26M Sodium dihydrogen phosphate, 0.14M di-Potassium hydrogen phosphate, pH 5.0, VAPOR DIFFUSION, SITTING DROP, temperature 293K' 
_exptl_crystal_grow.pdbx_pH_range   . 
# 
_diffrn.id                     1 
_diffrn.ambient_temp           90 
_diffrn.ambient_temp_details   ? 
_diffrn.crystal_id             1 
# 
_diffrn_detector.diffrn_id              1 
_diffrn_detector.detector               CCD 
_diffrn_detector.type                   'ADSC QUANTUM 210' 
_diffrn_detector.pdbx_collection_date   2007-03-03 
_diffrn_detector.details                mirrors 
# 
_diffrn_radiation.diffrn_id                        1 
_diffrn_radiation.wavelength_id                    1 
_diffrn_radiation.pdbx_monochromatic_or_laue_m_l   M 
_diffrn_radiation.monochromator                    'Si 111 CHANNEL' 
_diffrn_radiation.pdbx_diffrn_protocol             'SINGLE WAVELENGTH' 
_diffrn_radiation.pdbx_scattering_type             x-ray 
# 
_diffrn_radiation_wavelength.id           1 
_diffrn_radiation_wavelength.wavelength   0.97958 
_diffrn_radiation_wavelength.wt           1.0 
# 
_diffrn_source.diffrn_id                   1 
_diffrn_source.source                      SYNCHROTRON 
_diffrn_source.type                        'PHOTON FACTORY BEAMLINE AR-NW12A' 
_diffrn_source.pdbx_synchrotron_site       'Photon Factory' 
_diffrn_source.pdbx_synchrotron_beamline   AR-NW12A 
_diffrn_source.pdbx_wavelength             ? 
_diffrn_source.pdbx_wavelength_list        0.97958 
# 
_reflns.entry_id                     2YWK 
_reflns.observed_criterion_sigma_I   -3 
_reflns.observed_criterion_sigma_F   ? 
_reflns.d_resolution_low             33.33 
_reflns.d_resolution_high            1.54 
_reflns.number_obs                   11182 
_reflns.number_all                   ? 
_reflns.percent_possible_obs         98.1 
_reflns.pdbx_Rmerge_I_obs            ? 
_reflns.pdbx_Rsym_value              0.078 
_reflns.pdbx_netI_over_sigmaI        42.06 
_reflns.B_iso_Wilson_estimate        14.2 
_reflns.pdbx_redundancy              21.61 
_reflns.R_free_details               ? 
_reflns.limit_h_max                  ? 
_reflns.limit_h_min                  ? 
_reflns.limit_k_max                  ? 
_reflns.limit_k_min                  ? 
_reflns.limit_l_max                  ? 
_reflns.limit_l_min                  ? 
_reflns.observed_criterion_F_max     ? 
_reflns.observed_criterion_F_min     ? 
_reflns.pdbx_chi_squared             ? 
_reflns.pdbx_scaling_rejects         ? 
_reflns.pdbx_diffrn_id               1 
_reflns.pdbx_ordinal                 1 
# 
_reflns_shell.d_res_high             1.54 
_reflns_shell.d_res_low              1.60 
_reflns_shell.percent_possible_all   96.9 
_reflns_shell.Rmerge_I_obs           ? 
_reflns_shell.pdbx_Rsym_value        0.435 
_reflns_shell.meanI_over_sigI_obs    8.98 
_reflns_shell.pdbx_redundancy        22.1 
_reflns_shell.percent_possible_obs   ? 
_reflns_shell.number_unique_all      1064 
_reflns_shell.number_measured_all    ? 
_reflns_shell.number_measured_obs    ? 
_reflns_shell.number_unique_obs      ? 
_reflns_shell.pdbx_chi_squared       ? 
_reflns_shell.pdbx_diffrn_id         ? 
_reflns_shell.pdbx_ordinal           1 
# 
_refine.entry_id                                 2YWK 
_refine.ls_number_reflns_obs                     11175 
_refine.ls_number_reflns_all                     ? 
_refine.pdbx_ls_sigma_I                          ? 
_refine.pdbx_ls_sigma_F                          0.0 
_refine.pdbx_data_cutoff_high_absF               1004929.55 
_refine.pdbx_data_cutoff_low_absF                0.000000 
_refine.pdbx_data_cutoff_high_rms_absF           ? 
_refine.ls_d_res_low                             33.30 
_refine.ls_d_res_high                            1.54 
_refine.ls_percent_reflns_obs                    98.0 
_refine.ls_R_factor_obs                          0.19 
_refine.ls_R_factor_all                          ? 
_refine.ls_R_factor_R_work                       0.19 
_refine.ls_R_factor_R_free                       0.214 
_refine.ls_R_factor_R_free_error                 0.009 
_refine.ls_R_factor_R_free_error_details         ? 
_refine.ls_percent_reflns_R_free                 5.2 
_refine.ls_number_reflns_R_free                  579 
_refine.ls_number_parameters                     ? 
_refine.ls_number_restraints                     ? 
_refine.occupancy_min                            ? 
_refine.occupancy_max                            ? 
_refine.correlation_coeff_Fo_to_Fc               ? 
_refine.correlation_coeff_Fo_to_Fc_free          ? 
_refine.B_iso_mean                               13.7 
_refine.aniso_B[1][1]                            0.70 
_refine.aniso_B[2][2]                            0.70 
_refine.aniso_B[3][3]                            -1.40 
_refine.aniso_B[1][2]                            -0.46 
_refine.aniso_B[1][3]                            0.00 
_refine.aniso_B[2][3]                            0.00 
_refine.solvent_model_details                    'FLAT MODEL' 
_refine.solvent_model_param_ksol                 0.398951 
_refine.solvent_model_param_bsol                 47.3409 
_refine.pdbx_solvent_vdw_probe_radii             ? 
_refine.pdbx_solvent_ion_probe_radii             ? 
_refine.pdbx_solvent_shrinkage_radii             ? 
_refine.pdbx_ls_cross_valid_method               THROUGHOUT 
_refine.details                                  ? 
_refine.pdbx_starting_model                      1P27 
_refine.pdbx_method_to_determine_struct          'MOLECULAR REPLACEMENT' 
_refine.pdbx_isotropic_thermal_model             RESTRAINED 
_refine.pdbx_stereochemistry_target_values       ? 
_refine.pdbx_stereochem_target_val_spec_case     ? 
_refine.pdbx_R_Free_selection_details            RANDOM 
_refine.pdbx_overall_ESU_R                       ? 
_refine.pdbx_overall_ESU_R_Free                  ? 
_refine.overall_SU_ML                            ? 
_refine.overall_SU_B                             ? 
_refine.ls_redundancy_reflns_obs                 ? 
_refine.B_iso_min                                ? 
_refine.B_iso_max                                ? 
_refine.overall_SU_R_Cruickshank_DPI             ? 
_refine.overall_SU_R_free                        ? 
_refine.ls_wR_factor_R_free                      ? 
_refine.ls_wR_factor_R_work                      ? 
_refine.overall_FOM_free_R_set                   ? 
_refine.overall_FOM_work_R_set                   ? 
_refine.pdbx_overall_phase_error                 ? 
_refine.pdbx_refine_id                           'X-RAY DIFFRACTION' 
_refine.pdbx_diffrn_id                           1 
_refine.pdbx_TLS_residual_ADP_flag               ? 
_refine.pdbx_overall_SU_R_free_Cruickshank_DPI   ? 
_refine.pdbx_overall_SU_R_Blow_DPI               ? 
_refine.pdbx_overall_SU_R_free_Blow_DPI          ? 
# 
_refine_analyze.entry_id                        2YWK 
_refine_analyze.Luzzati_coordinate_error_obs    0.16 
_refine_analyze.Luzzati_sigma_a_obs             0.08 
_refine_analyze.Luzzati_d_res_low_obs           5.00 
_refine_analyze.Luzzati_coordinate_error_free   0.20 
_refine_analyze.Luzzati_sigma_a_free            0.12 
_refine_analyze.Luzzati_d_res_low_free          ? 
_refine_analyze.number_disordered_residues      ? 
_refine_analyze.occupancy_sum_hydrogen          ? 
_refine_analyze.occupancy_sum_non_hydrogen      ? 
_refine_analyze.pdbx_Luzzati_d_res_high_obs     ? 
_refine_analyze.pdbx_refine_id                  'X-RAY DIFFRACTION' 
# 
_refine_hist.pdbx_refine_id                   'X-RAY DIFFRACTION' 
_refine_hist.cycle_id                         LAST 
_refine_hist.pdbx_number_atoms_protein        657 
_refine_hist.pdbx_number_atoms_nucleic_acid   0 
_refine_hist.pdbx_number_atoms_ligand         0 
_refine_hist.number_atoms_solvent             80 
_refine_hist.number_atoms_total               737 
_refine_hist.d_res_high                       1.54 
_refine_hist.d_res_low                        33.30 
# 
loop_
_refine_ls_restr.type 
_refine_ls_restr.dev_ideal 
_refine_ls_restr.dev_ideal_target 
_refine_ls_restr.weight 
_refine_ls_restr.number 
_refine_ls_restr.pdbx_refine_id 
_refine_ls_restr.pdbx_restraint_function 
c_bond_d           0.004 ? ? ? 'X-RAY DIFFRACTION' ? 
c_angle_deg        1.2   ? ? ? 'X-RAY DIFFRACTION' ? 
c_dihedral_angle_d 23.4  ? ? ? 'X-RAY DIFFRACTION' ? 
c_improper_angle_d 0.73  ? ? ? 'X-RAY DIFFRACTION' ? 
# 
_refine_ls_shell.pdbx_total_number_of_bins_used   6 
_refine_ls_shell.d_res_high                       1.54 
_refine_ls_shell.d_res_low                        1.64 
_refine_ls_shell.number_reflns_R_work             1684 
_refine_ls_shell.R_factor_R_work                  0.202 
_refine_ls_shell.percent_reflns_obs               97.0 
_refine_ls_shell.R_factor_R_free                  0.255 
_refine_ls_shell.R_factor_R_free_error            0.026 
_refine_ls_shell.percent_reflns_R_free            5.4 
_refine_ls_shell.number_reflns_R_free             97 
_refine_ls_shell.number_reflns_all                ? 
_refine_ls_shell.R_factor_all                     ? 
_refine_ls_shell.number_reflns_obs                ? 
_refine_ls_shell.redundancy_reflns_obs            ? 
_refine_ls_shell.pdbx_refine_id                   'X-RAY DIFFRACTION' 
# 
loop_
_pdbx_xplor_file.serial_no 
_pdbx_xplor_file.param_file 
_pdbx_xplor_file.topol_file 
_pdbx_xplor_file.pdbx_refine_id 
1 protein_rep.param protein.top 'X-RAY DIFFRACTION' 
2 water_rep.param   water.top   'X-RAY DIFFRACTION' 
# 
_struct.entry_id                  2YWK 
_struct.title                     'Crystal structure of RRM-domain derived from human putative RNA-binding protein 11' 
_struct.pdbx_model_details        ? 
_struct.pdbx_CASP_flag            ? 
_struct.pdbx_model_type_details   ? 
# 
_struct_keywords.entry_id        2YWK 
_struct_keywords.pdbx_keywords   'RNA BINDING PROTEIN' 
_struct_keywords.text            
;RRM-domain, RNA-binding, Structural Genomics, NPPSFA, National Project on Protein Structural and Functional Analyses, RIKEN Structural Genomics/Proteomics Initiative, RSGI, RNA BINDING PROTEIN
;
# 
loop_
_struct_asym.id 
_struct_asym.pdbx_blank_PDB_chainid_flag 
_struct_asym.pdbx_modified 
_struct_asym.entity_id 
_struct_asym.details 
A N N 1 ? 
B N N 2 ? 
# 
_struct_ref.id                         1 
_struct_ref.db_name                    UNP 
_struct_ref.db_code                    RBM11_HUMAN 
_struct_ref.pdbx_db_accession          P57052 
_struct_ref.entity_id                  1 
_struct_ref.pdbx_seq_one_letter_code   
;MFPAQEEADRTVFVGNLEARVREEILYELFLQAGPLTKVTICKDREGKPKSFGFVCFKHPESVSYAIALLNGIRLYGRPI
NV
;
_struct_ref.pdbx_align_begin           1 
_struct_ref.pdbx_db_isoform            ? 
# 
_struct_ref_seq.align_id                      1 
_struct_ref_seq.ref_id                        1 
_struct_ref_seq.pdbx_PDB_id_code              2YWK 
_struct_ref_seq.pdbx_strand_id                A 
_struct_ref_seq.seq_align_beg                 8 
_struct_ref_seq.pdbx_seq_align_beg_ins_code   ? 
_struct_ref_seq.seq_align_end                 89 
_struct_ref_seq.pdbx_seq_align_end_ins_code   ? 
_struct_ref_seq.pdbx_db_accession             P57052 
_struct_ref_seq.db_align_beg                  1 
_struct_ref_seq.pdbx_db_align_beg_ins_code    ? 
_struct_ref_seq.db_align_end                  82 
_struct_ref_seq.pdbx_db_align_end_ins_code    ? 
_struct_ref_seq.pdbx_auth_seq_align_beg       1 
_struct_ref_seq.pdbx_auth_seq_align_end       82 
# 
loop_
_struct_ref_seq_dif.align_id 
_struct_ref_seq_dif.pdbx_pdb_id_code 
_struct_ref_seq_dif.mon_id 
_struct_ref_seq_dif.pdbx_pdb_strand_id 
_struct_ref_seq_dif.seq_num 
_struct_ref_seq_dif.pdbx_pdb_ins_code 
_struct_ref_seq_dif.pdbx_seq_db_name 
_struct_ref_seq_dif.pdbx_seq_db_accession_code 
_struct_ref_seq_dif.db_mon_id 
_struct_ref_seq_dif.pdbx_seq_db_seq_num 
_struct_ref_seq_dif.details 
_struct_ref_seq_dif.pdbx_auth_seq_num 
_struct_ref_seq_dif.pdbx_ordinal 
1 2YWK GLY A 1  ? UNP P57052 ? ? 'expression tag' -6 1  
1 2YWK SER A 2  ? UNP P57052 ? ? 'expression tag' -5 2  
1 2YWK SER A 3  ? UNP P57052 ? ? 'expression tag' -4 3  
1 2YWK GLY A 4  ? UNP P57052 ? ? 'expression tag' -3 4  
1 2YWK SER A 5  ? UNP P57052 ? ? 'expression tag' -2 5  
1 2YWK SER A 6  ? UNP P57052 ? ? 'expression tag' -1 6  
1 2YWK GLY A 7  ? UNP P57052 ? ? 'expression tag' 0  7  
1 2YWK SER A 90 ? UNP P57052 ? ? 'expression tag' 83 8  
1 2YWK GLY A 91 ? UNP P57052 ? ? 'expression tag' 84 9  
1 2YWK PRO A 92 ? UNP P57052 ? ? 'expression tag' 85 10 
1 2YWK SER A 93 ? UNP P57052 ? ? 'expression tag' 86 11 
1 2YWK SER A 94 ? UNP P57052 ? ? 'expression tag' 87 12 
1 2YWK GLY A 95 ? UNP P57052 ? ? 'expression tag' 88 13 
# 
_pdbx_struct_assembly.id                   1 
_pdbx_struct_assembly.details              author_and_software_defined_assembly 
_pdbx_struct_assembly.method_details       PISA 
_pdbx_struct_assembly.oligomeric_details   monomeric 
_pdbx_struct_assembly.oligomeric_count     1 
# 
_pdbx_struct_assembly_gen.assembly_id       1 
_pdbx_struct_assembly_gen.oper_expression   1 
_pdbx_struct_assembly_gen.asym_id_list      A,B 
# 
_pdbx_struct_oper_list.id                   1 
_pdbx_struct_oper_list.type                 'identity operation' 
_pdbx_struct_oper_list.name                 1_555 
_pdbx_struct_oper_list.symmetry_operation   x,y,z 
_pdbx_struct_oper_list.matrix[1][1]         1.0000000000 
_pdbx_struct_oper_list.matrix[1][2]         0.0000000000 
_pdbx_struct_oper_list.matrix[1][3]         0.0000000000 
_pdbx_struct_oper_list.vector[1]            0.0000000000 
_pdbx_struct_oper_list.matrix[2][1]         0.0000000000 
_pdbx_struct_oper_list.matrix[2][2]         1.0000000000 
_pdbx_struct_oper_list.matrix[2][3]         0.0000000000 
_pdbx_struct_oper_list.vector[2]            0.0000000000 
_pdbx_struct_oper_list.matrix[3][1]         0.0000000000 
_pdbx_struct_oper_list.matrix[3][2]         0.0000000000 
_pdbx_struct_oper_list.matrix[3][3]         1.0000000000 
_pdbx_struct_oper_list.vector[3]            0.0000000000 
# 
_struct_biol.id        1 
_struct_biol.details   ? 
# 
loop_
_struct_conf.conf_type_id 
_struct_conf.id 
_struct_conf.pdbx_PDB_helix_id 
_struct_conf.beg_label_comp_id 
_struct_conf.beg_label_asym_id 
_struct_conf.beg_label_seq_id 
_struct_conf.pdbx_beg_PDB_ins_code 
_struct_conf.end_label_comp_id 
_struct_conf.end_label_asym_id 
_struct_conf.end_label_seq_id 
_struct_conf.pdbx_end_PDB_ins_code 
_struct_conf.beg_auth_comp_id 
_struct_conf.beg_auth_asym_id 
_struct_conf.beg_auth_seq_id 
_struct_conf.end_auth_comp_id 
_struct_conf.end_auth_asym_id 
_struct_conf.end_auth_seq_id 
_struct_conf.pdbx_PDB_helix_class 
_struct_conf.details 
_struct_conf.pdbx_PDB_helix_length 
HELX_P HELX_P1 1 GLU A 14 ? ASP A 16 ? GLU A 7  ASP A 9  5 ? 3  
HELX_P HELX_P2 2 ARG A 29 ? LEU A 38 ? ARG A 22 LEU A 31 1 ? 10 
HELX_P HELX_P3 3 GLN A 39 ? GLY A 41 ? GLN A 32 GLY A 34 5 ? 3  
HELX_P HELX_P4 4 PRO A 67 ? ASN A 78 ? PRO A 60 ASN A 71 1 ? 12 
# 
_struct_conf_type.id          HELX_P 
_struct_conf_type.criteria    ? 
_struct_conf_type.reference   ? 
# 
loop_
_struct_sheet.id 
_struct_sheet.type 
_struct_sheet.number_strands 
_struct_sheet.details 
A ? 4 ? 
B ? 2 ? 
# 
loop_
_struct_sheet_order.sheet_id 
_struct_sheet_order.range_id_1 
_struct_sheet_order.range_id_2 
_struct_sheet_order.offset 
_struct_sheet_order.sense 
A 1 2 ? anti-parallel 
A 2 3 ? anti-parallel 
A 3 4 ? anti-parallel 
B 1 2 ? anti-parallel 
# 
loop_
_struct_sheet_range.sheet_id 
_struct_sheet_range.id 
_struct_sheet_range.beg_label_comp_id 
_struct_sheet_range.beg_label_asym_id 
_struct_sheet_range.beg_label_seq_id 
_struct_sheet_range.pdbx_beg_PDB_ins_code 
_struct_sheet_range.end_label_comp_id 
_struct_sheet_range.end_label_asym_id 
_struct_sheet_range.end_label_seq_id 
_struct_sheet_range.pdbx_end_PDB_ins_code 
_struct_sheet_range.beg_auth_comp_id 
_struct_sheet_range.beg_auth_asym_id 
_struct_sheet_range.beg_auth_seq_id 
_struct_sheet_range.end_auth_comp_id 
_struct_sheet_range.end_auth_asym_id 
_struct_sheet_range.end_auth_seq_id 
A 1 LEU A 43 ? LYS A 50 ? LEU A 36 LYS A 43 
A 2 PRO A 56 ? PHE A 64 ? PRO A 49 PHE A 57 
A 3 THR A 18 ? GLY A 22 ? THR A 11 GLY A 15 
A 4 ASN A 88 ? SER A 90 ? ASN A 81 SER A 83 
B 1 ARG A 81 ? LEU A 82 ? ARG A 74 LEU A 75 
B 2 ARG A 85 ? PRO A 86 ? ARG A 78 PRO A 79 
# 
loop_
_pdbx_struct_sheet_hbond.sheet_id 
_pdbx_struct_sheet_hbond.range_id_1 
_pdbx_struct_sheet_hbond.range_id_2 
_pdbx_struct_sheet_hbond.range_1_label_atom_id 
_pdbx_struct_sheet_hbond.range_1_label_comp_id 
_pdbx_struct_sheet_hbond.range_1_label_asym_id 
_pdbx_struct_sheet_hbond.range_1_label_seq_id 
_pdbx_struct_sheet_hbond.range_1_PDB_ins_code 
_pdbx_struct_sheet_hbond.range_1_auth_atom_id 
_pdbx_struct_sheet_hbond.range_1_auth_comp_id 
_pdbx_struct_sheet_hbond.range_1_auth_asym_id 
_pdbx_struct_sheet_hbond.range_1_auth_seq_id 
_pdbx_struct_sheet_hbond.range_2_label_atom_id 
_pdbx_struct_sheet_hbond.range_2_label_comp_id 
_pdbx_struct_sheet_hbond.range_2_label_asym_id 
_pdbx_struct_sheet_hbond.range_2_label_seq_id 
_pdbx_struct_sheet_hbond.range_2_PDB_ins_code 
_pdbx_struct_sheet_hbond.range_2_auth_atom_id 
_pdbx_struct_sheet_hbond.range_2_auth_comp_id 
_pdbx_struct_sheet_hbond.range_2_auth_asym_id 
_pdbx_struct_sheet_hbond.range_2_auth_seq_id 
A 1 2 N THR A 44 ? N THR A 37 O CYS A 63 ? O CYS A 56 
A 2 3 O VAL A 62 ? O VAL A 55 N VAL A 19 ? N VAL A 12 
A 3 4 N PHE A 20 ? N PHE A 13 O SER A 90 ? O SER A 83 
B 1 2 N LEU A 82 ? N LEU A 75 O ARG A 85 ? O ARG A 78 
# 
_pdbx_entry_details.entry_id                   2YWK 
_pdbx_entry_details.compound_details           ? 
_pdbx_entry_details.source_details             ? 
_pdbx_entry_details.nonpolymer_details         ? 
_pdbx_entry_details.sequence_details           ? 
_pdbx_entry_details.has_ligand_of_interest     ? 
_pdbx_entry_details.has_protein_modification   N 
# 
_pdbx_validate_torsion.id              1 
_pdbx_validate_torsion.PDB_model_num   1 
_pdbx_validate_torsion.auth_comp_id    SER 
_pdbx_validate_torsion.auth_asym_id    A 
_pdbx_validate_torsion.auth_seq_id     51 
_pdbx_validate_torsion.PDB_ins_code    ? 
_pdbx_validate_torsion.label_alt_id    ? 
_pdbx_validate_torsion.phi             -91.81 
_pdbx_validate_torsion.psi             30.03 
# 
_pdbx_SG_project.id                    1 
_pdbx_SG_project.project_name          'NPPSFA, National Project on Protein Structural and Functional Analyses' 
_pdbx_SG_project.full_name_of_center   'RIKEN Structural Genomics/Proteomics Initiative' 
_pdbx_SG_project.initial_of_center     RSGI 
# 
loop_
_pdbx_unobs_or_zero_occ_residues.id 
_pdbx_unobs_or_zero_occ_residues.PDB_model_num 
_pdbx_unobs_or_zero_occ_residues.polymer_flag 
_pdbx_unobs_or_zero_occ_residues.occupancy_flag 
_pdbx_unobs_or_zero_occ_residues.auth_asym_id 
_pdbx_unobs_or_zero_occ_residues.auth_comp_id 
_pdbx_unobs_or_zero_occ_residues.auth_seq_id 
_pdbx_unobs_or_zero_occ_residues.PDB_ins_code 
_pdbx_unobs_or_zero_occ_residues.label_asym_id 
_pdbx_unobs_or_zero_occ_residues.label_comp_id 
_pdbx_unobs_or_zero_occ_residues.label_seq_id 
1  1 Y 1 A GLY -6 ? A GLY 1  
2  1 Y 1 A SER -5 ? A SER 2  
3  1 Y 1 A SER -4 ? A SER 3  
4  1 Y 1 A GLY -3 ? A GLY 4  
5  1 Y 1 A SER -2 ? A SER 5  
6  1 Y 1 A SER -1 ? A SER 6  
7  1 Y 1 A GLY 0  ? A GLY 7  
8  1 Y 1 A MSE 1  ? A MSE 8  
9  1 Y 1 A PHE 2  ? A PHE 9  
10 1 Y 1 A PRO 3  ? A PRO 10 
11 1 Y 1 A ALA 4  ? A ALA 11 
# 
loop_
_chem_comp_atom.comp_id 
_chem_comp_atom.atom_id 
_chem_comp_atom.type_symbol 
_chem_comp_atom.pdbx_aromatic_flag 
_chem_comp_atom.pdbx_stereo_config 
_chem_comp_atom.pdbx_ordinal 
ALA N    N  N N 1   
ALA CA   C  N S 2   
ALA C    C  N N 3   
ALA O    O  N N 4   
ALA CB   C  N N 5   
ALA OXT  O  N N 6   
ALA H    H  N N 7   
ALA H2   H  N N 8   
ALA HA   H  N N 9   
ALA HB1  H  N N 10  
ALA HB2  H  N N 11  
ALA HB3  H  N N 12  
ALA HXT  H  N N 13  
ARG N    N  N N 14  
ARG CA   C  N S 15  
ARG C    C  N N 16  
ARG O    O  N N 17  
ARG CB   C  N N 18  
ARG CG   C  N N 19  
ARG CD   C  N N 20  
ARG NE   N  N N 21  
ARG CZ   C  N N 22  
ARG NH1  N  N N 23  
ARG NH2  N  N N 24  
ARG OXT  O  N N 25  
ARG H    H  N N 26  
ARG H2   H  N N 27  
ARG HA   H  N N 28  
ARG HB2  H  N N 29  
ARG HB3  H  N N 30  
ARG HG2  H  N N 31  
ARG HG3  H  N N 32  
ARG HD2  H  N N 33  
ARG HD3  H  N N 34  
ARG HE   H  N N 35  
ARG HH11 H  N N 36  
ARG HH12 H  N N 37  
ARG HH21 H  N N 38  
ARG HH22 H  N N 39  
ARG HXT  H  N N 40  
ASN N    N  N N 41  
ASN CA   C  N S 42  
ASN C    C  N N 43  
ASN O    O  N N 44  
ASN CB   C  N N 45  
ASN CG   C  N N 46  
ASN OD1  O  N N 47  
ASN ND2  N  N N 48  
ASN OXT  O  N N 49  
ASN H    H  N N 50  
ASN H2   H  N N 51  
ASN HA   H  N N 52  
ASN HB2  H  N N 53  
ASN HB3  H  N N 54  
ASN HD21 H  N N 55  
ASN HD22 H  N N 56  
ASN HXT  H  N N 57  
ASP N    N  N N 58  
ASP CA   C  N S 59  
ASP C    C  N N 60  
ASP O    O  N N 61  
ASP CB   C  N N 62  
ASP CG   C  N N 63  
ASP OD1  O  N N 64  
ASP OD2  O  N N 65  
ASP OXT  O  N N 66  
ASP H    H  N N 67  
ASP H2   H  N N 68  
ASP HA   H  N N 69  
ASP HB2  H  N N 70  
ASP HB3  H  N N 71  
ASP HD2  H  N N 72  
ASP HXT  H  N N 73  
CYS N    N  N N 74  
CYS CA   C  N R 75  
CYS C    C  N N 76  
CYS O    O  N N 77  
CYS CB   C  N N 78  
CYS SG   S  N N 79  
CYS OXT  O  N N 80  
CYS H    H  N N 81  
CYS H2   H  N N 82  
CYS HA   H  N N 83  
CYS HB2  H  N N 84  
CYS HB3  H  N N 85  
CYS HG   H  N N 86  
CYS HXT  H  N N 87  
GLN N    N  N N 88  
GLN CA   C  N S 89  
GLN C    C  N N 90  
GLN O    O  N N 91  
GLN CB   C  N N 92  
GLN CG   C  N N 93  
GLN CD   C  N N 94  
GLN OE1  O  N N 95  
GLN NE2  N  N N 96  
GLN OXT  O  N N 97  
GLN H    H  N N 98  
GLN H2   H  N N 99  
GLN HA   H  N N 100 
GLN HB2  H  N N 101 
GLN HB3  H  N N 102 
GLN HG2  H  N N 103 
GLN HG3  H  N N 104 
GLN HE21 H  N N 105 
GLN HE22 H  N N 106 
GLN HXT  H  N N 107 
GLU N    N  N N 108 
GLU CA   C  N S 109 
GLU C    C  N N 110 
GLU O    O  N N 111 
GLU CB   C  N N 112 
GLU CG   C  N N 113 
GLU CD   C  N N 114 
GLU OE1  O  N N 115 
GLU OE2  O  N N 116 
GLU OXT  O  N N 117 
GLU H    H  N N 118 
GLU H2   H  N N 119 
GLU HA   H  N N 120 
GLU HB2  H  N N 121 
GLU HB3  H  N N 122 
GLU HG2  H  N N 123 
GLU HG3  H  N N 124 
GLU HE2  H  N N 125 
GLU HXT  H  N N 126 
GLY N    N  N N 127 
GLY CA   C  N N 128 
GLY C    C  N N 129 
GLY O    O  N N 130 
GLY OXT  O  N N 131 
GLY H    H  N N 132 
GLY H2   H  N N 133 
GLY HA2  H  N N 134 
GLY HA3  H  N N 135 
GLY HXT  H  N N 136 
HIS N    N  N N 137 
HIS CA   C  N S 138 
HIS C    C  N N 139 
HIS O    O  N N 140 
HIS CB   C  N N 141 
HIS CG   C  Y N 142 
HIS ND1  N  Y N 143 
HIS CD2  C  Y N 144 
HIS CE1  C  Y N 145 
HIS NE2  N  Y N 146 
HIS OXT  O  N N 147 
HIS H    H  N N 148 
HIS H2   H  N N 149 
HIS HA   H  N N 150 
HIS HB2  H  N N 151 
HIS HB3  H  N N 152 
HIS HD1  H  N N 153 
HIS HD2  H  N N 154 
HIS HE1  H  N N 155 
HIS HE2  H  N N 156 
HIS HXT  H  N N 157 
HOH O    O  N N 158 
HOH H1   H  N N 159 
HOH H2   H  N N 160 
ILE N    N  N N 161 
ILE CA   C  N S 162 
ILE C    C  N N 163 
ILE O    O  N N 164 
ILE CB   C  N S 165 
ILE CG1  C  N N 166 
ILE CG2  C  N N 167 
ILE CD1  C  N N 168 
ILE OXT  O  N N 169 
ILE H    H  N N 170 
ILE H2   H  N N 171 
ILE HA   H  N N 172 
ILE HB   H  N N 173 
ILE HG12 H  N N 174 
ILE HG13 H  N N 175 
ILE HG21 H  N N 176 
ILE HG22 H  N N 177 
ILE HG23 H  N N 178 
ILE HD11 H  N N 179 
ILE HD12 H  N N 180 
ILE HD13 H  N N 181 
ILE HXT  H  N N 182 
LEU N    N  N N 183 
LEU CA   C  N S 184 
LEU C    C  N N 185 
LEU O    O  N N 186 
LEU CB   C  N N 187 
LEU CG   C  N N 188 
LEU CD1  C  N N 189 
LEU CD2  C  N N 190 
LEU OXT  O  N N 191 
LEU H    H  N N 192 
LEU H2   H  N N 193 
LEU HA   H  N N 194 
LEU HB2  H  N N 195 
LEU HB3  H  N N 196 
LEU HG   H  N N 197 
LEU HD11 H  N N 198 
LEU HD12 H  N N 199 
LEU HD13 H  N N 200 
LEU HD21 H  N N 201 
LEU HD22 H  N N 202 
LEU HD23 H  N N 203 
LEU HXT  H  N N 204 
LYS N    N  N N 205 
LYS CA   C  N S 206 
LYS C    C  N N 207 
LYS O    O  N N 208 
LYS CB   C  N N 209 
LYS CG   C  N N 210 
LYS CD   C  N N 211 
LYS CE   C  N N 212 
LYS NZ   N  N N 213 
LYS OXT  O  N N 214 
LYS H    H  N N 215 
LYS H2   H  N N 216 
LYS HA   H  N N 217 
LYS HB2  H  N N 218 
LYS HB3  H  N N 219 
LYS HG2  H  N N 220 
LYS HG3  H  N N 221 
LYS HD2  H  N N 222 
LYS HD3  H  N N 223 
LYS HE2  H  N N 224 
LYS HE3  H  N N 225 
LYS HZ1  H  N N 226 
LYS HZ2  H  N N 227 
LYS HZ3  H  N N 228 
LYS HXT  H  N N 229 
MSE N    N  N N 230 
MSE CA   C  N S 231 
MSE C    C  N N 232 
MSE O    O  N N 233 
MSE OXT  O  N N 234 
MSE CB   C  N N 235 
MSE CG   C  N N 236 
MSE SE   SE N N 237 
MSE CE   C  N N 238 
MSE H    H  N N 239 
MSE H2   H  N N 240 
MSE HA   H  N N 241 
MSE HXT  H  N N 242 
MSE HB2  H  N N 243 
MSE HB3  H  N N 244 
MSE HG2  H  N N 245 
MSE HG3  H  N N 246 
MSE HE1  H  N N 247 
MSE HE2  H  N N 248 
MSE HE3  H  N N 249 
PHE N    N  N N 250 
PHE CA   C  N S 251 
PHE C    C  N N 252 
PHE O    O  N N 253 
PHE CB   C  N N 254 
PHE CG   C  Y N 255 
PHE CD1  C  Y N 256 
PHE CD2  C  Y N 257 
PHE CE1  C  Y N 258 
PHE CE2  C  Y N 259 
PHE CZ   C  Y N 260 
PHE OXT  O  N N 261 
PHE H    H  N N 262 
PHE H2   H  N N 263 
PHE HA   H  N N 264 
PHE HB2  H  N N 265 
PHE HB3  H  N N 266 
PHE HD1  H  N N 267 
PHE HD2  H  N N 268 
PHE HE1  H  N N 269 
PHE HE2  H  N N 270 
PHE HZ   H  N N 271 
PHE HXT  H  N N 272 
PRO N    N  N N 273 
PRO CA   C  N S 274 
PRO C    C  N N 275 
PRO O    O  N N 276 
PRO CB   C  N N 277 
PRO CG   C  N N 278 
PRO CD   C  N N 279 
PRO OXT  O  N N 280 
PRO H    H  N N 281 
PRO HA   H  N N 282 
PRO HB2  H  N N 283 
PRO HB3  H  N N 284 
PRO HG2  H  N N 285 
PRO HG3  H  N N 286 
PRO HD2  H  N N 287 
PRO HD3  H  N N 288 
PRO HXT  H  N N 289 
SER N    N  N N 290 
SER CA   C  N S 291 
SER C    C  N N 292 
SER O    O  N N 293 
SER CB   C  N N 294 
SER OG   O  N N 295 
SER OXT  O  N N 296 
SER H    H  N N 297 
SER H2   H  N N 298 
SER HA   H  N N 299 
SER HB2  H  N N 300 
SER HB3  H  N N 301 
SER HG   H  N N 302 
SER HXT  H  N N 303 
THR N    N  N N 304 
THR CA   C  N S 305 
THR C    C  N N 306 
THR O    O  N N 307 
THR CB   C  N R 308 
THR OG1  O  N N 309 
THR CG2  C  N N 310 
THR OXT  O  N N 311 
THR H    H  N N 312 
THR H2   H  N N 313 
THR HA   H  N N 314 
THR HB   H  N N 315 
THR HG1  H  N N 316 
THR HG21 H  N N 317 
THR HG22 H  N N 318 
THR HG23 H  N N 319 
THR HXT  H  N N 320 
TYR N    N  N N 321 
TYR CA   C  N S 322 
TYR C    C  N N 323 
TYR O    O  N N 324 
TYR CB   C  N N 325 
TYR CG   C  Y N 326 
TYR CD1  C  Y N 327 
TYR CD2  C  Y N 328 
TYR CE1  C  Y N 329 
TYR CE2  C  Y N 330 
TYR CZ   C  Y N 331 
TYR OH   O  N N 332 
TYR OXT  O  N N 333 
TYR H    H  N N 334 
TYR H2   H  N N 335 
TYR HA   H  N N 336 
TYR HB2  H  N N 337 
TYR HB3  H  N N 338 
TYR HD1  H  N N 339 
TYR HD2  H  N N 340 
TYR HE1  H  N N 341 
TYR HE2  H  N N 342 
TYR HH   H  N N 343 
TYR HXT  H  N N 344 
VAL N    N  N N 345 
VAL CA   C  N S 346 
VAL C    C  N N 347 
VAL O    O  N N 348 
VAL CB   C  N N 349 
VAL CG1  C  N N 350 
VAL CG2  C  N N 351 
VAL OXT  O  N N 352 
VAL H    H  N N 353 
VAL H2   H  N N 354 
VAL HA   H  N N 355 
VAL HB   H  N N 356 
VAL HG11 H  N N 357 
VAL HG12 H  N N 358 
VAL HG13 H  N N 359 
VAL HG21 H  N N 360 
VAL HG22 H  N N 361 
VAL HG23 H  N N 362 
VAL HXT  H  N N 363 
# 
loop_
_chem_comp_bond.comp_id 
_chem_comp_bond.atom_id_1 
_chem_comp_bond.atom_id_2 
_chem_comp_bond.value_order 
_chem_comp_bond.pdbx_aromatic_flag 
_chem_comp_bond.pdbx_stereo_config 
_chem_comp_bond.pdbx_ordinal 
ALA N   CA   sing N N 1   
ALA N   H    sing N N 2   
ALA N   H2   sing N N 3   
ALA CA  C    sing N N 4   
ALA CA  CB   sing N N 5   
ALA CA  HA   sing N N 6   
ALA C   O    doub N N 7   
ALA C   OXT  sing N N 8   
ALA CB  HB1  sing N N 9   
ALA CB  HB2  sing N N 10  
ALA CB  HB3  sing N N 11  
ALA OXT HXT  sing N N 12  
ARG N   CA   sing N N 13  
ARG N   H    sing N N 14  
ARG N   H2   sing N N 15  
ARG CA  C    sing N N 16  
ARG CA  CB   sing N N 17  
ARG CA  HA   sing N N 18  
ARG C   O    doub N N 19  
ARG C   OXT  sing N N 20  
ARG CB  CG   sing N N 21  
ARG CB  HB2  sing N N 22  
ARG CB  HB3  sing N N 23  
ARG CG  CD   sing N N 24  
ARG CG  HG2  sing N N 25  
ARG CG  HG3  sing N N 26  
ARG CD  NE   sing N N 27  
ARG CD  HD2  sing N N 28  
ARG CD  HD3  sing N N 29  
ARG NE  CZ   sing N N 30  
ARG NE  HE   sing N N 31  
ARG CZ  NH1  sing N N 32  
ARG CZ  NH2  doub N N 33  
ARG NH1 HH11 sing N N 34  
ARG NH1 HH12 sing N N 35  
ARG NH2 HH21 sing N N 36  
ARG NH2 HH22 sing N N 37  
ARG OXT HXT  sing N N 38  
ASN N   CA   sing N N 39  
ASN N   H    sing N N 40  
ASN N   H2   sing N N 41  
ASN CA  C    sing N N 42  
ASN CA  CB   sing N N 43  
ASN CA  HA   sing N N 44  
ASN C   O    doub N N 45  
ASN C   OXT  sing N N 46  
ASN CB  CG   sing N N 47  
ASN CB  HB2  sing N N 48  
ASN CB  HB3  sing N N 49  
ASN CG  OD1  doub N N 50  
ASN CG  ND2  sing N N 51  
ASN ND2 HD21 sing N N 52  
ASN ND2 HD22 sing N N 53  
ASN OXT HXT  sing N N 54  
ASP N   CA   sing N N 55  
ASP N   H    sing N N 56  
ASP N   H2   sing N N 57  
ASP CA  C    sing N N 58  
ASP CA  CB   sing N N 59  
ASP CA  HA   sing N N 60  
ASP C   O    doub N N 61  
ASP C   OXT  sing N N 62  
ASP CB  CG   sing N N 63  
ASP CB  HB2  sing N N 64  
ASP CB  HB3  sing N N 65  
ASP CG  OD1  doub N N 66  
ASP CG  OD2  sing N N 67  
ASP OD2 HD2  sing N N 68  
ASP OXT HXT  sing N N 69  
CYS N   CA   sing N N 70  
CYS N   H    sing N N 71  
CYS N   H2   sing N N 72  
CYS CA  C    sing N N 73  
CYS CA  CB   sing N N 74  
CYS CA  HA   sing N N 75  
CYS C   O    doub N N 76  
CYS C   OXT  sing N N 77  
CYS CB  SG   sing N N 78  
CYS CB  HB2  sing N N 79  
CYS CB  HB3  sing N N 80  
CYS SG  HG   sing N N 81  
CYS OXT HXT  sing N N 82  
GLN N   CA   sing N N 83  
GLN N   H    sing N N 84  
GLN N   H2   sing N N 85  
GLN CA  C    sing N N 86  
GLN CA  CB   sing N N 87  
GLN CA  HA   sing N N 88  
GLN C   O    doub N N 89  
GLN C   OXT  sing N N 90  
GLN CB  CG   sing N N 91  
GLN CB  HB2  sing N N 92  
GLN CB  HB3  sing N N 93  
GLN CG  CD   sing N N 94  
GLN CG  HG2  sing N N 95  
GLN CG  HG3  sing N N 96  
GLN CD  OE1  doub N N 97  
GLN CD  NE2  sing N N 98  
GLN NE2 HE21 sing N N 99  
GLN NE2 HE22 sing N N 100 
GLN OXT HXT  sing N N 101 
GLU N   CA   sing N N 102 
GLU N   H    sing N N 103 
GLU N   H2   sing N N 104 
GLU CA  C    sing N N 105 
GLU CA  CB   sing N N 106 
GLU CA  HA   sing N N 107 
GLU C   O    doub N N 108 
GLU C   OXT  sing N N 109 
GLU CB  CG   sing N N 110 
GLU CB  HB2  sing N N 111 
GLU CB  HB3  sing N N 112 
GLU CG  CD   sing N N 113 
GLU CG  HG2  sing N N 114 
GLU CG  HG3  sing N N 115 
GLU CD  OE1  doub N N 116 
GLU CD  OE2  sing N N 117 
GLU OE2 HE2  sing N N 118 
GLU OXT HXT  sing N N 119 
GLY N   CA   sing N N 120 
GLY N   H    sing N N 121 
GLY N   H2   sing N N 122 
GLY CA  C    sing N N 123 
GLY CA  HA2  sing N N 124 
GLY CA  HA3  sing N N 125 
GLY C   O    doub N N 126 
GLY C   OXT  sing N N 127 
GLY OXT HXT  sing N N 128 
HIS N   CA   sing N N 129 
HIS N   H    sing N N 130 
HIS N   H2   sing N N 131 
HIS CA  C    sing N N 132 
HIS CA  CB   sing N N 133 
HIS CA  HA   sing N N 134 
HIS C   O    doub N N 135 
HIS C   OXT  sing N N 136 
HIS CB  CG   sing N N 137 
HIS CB  HB2  sing N N 138 
HIS CB  HB3  sing N N 139 
HIS CG  ND1  sing Y N 140 
HIS CG  CD2  doub Y N 141 
HIS ND1 CE1  doub Y N 142 
HIS ND1 HD1  sing N N 143 
HIS CD2 NE2  sing Y N 144 
HIS CD2 HD2  sing N N 145 
HIS CE1 NE2  sing Y N 146 
HIS CE1 HE1  sing N N 147 
HIS NE2 HE2  sing N N 148 
HIS OXT HXT  sing N N 149 
HOH O   H1   sing N N 150 
HOH O   H2   sing N N 151 
ILE N   CA   sing N N 152 
ILE N   H    sing N N 153 
ILE N   H2   sing N N 154 
ILE CA  C    sing N N 155 
ILE CA  CB   sing N N 156 
ILE CA  HA   sing N N 157 
ILE C   O    doub N N 158 
ILE C   OXT  sing N N 159 
ILE CB  CG1  sing N N 160 
ILE CB  CG2  sing N N 161 
ILE CB  HB   sing N N 162 
ILE CG1 CD1  sing N N 163 
ILE CG1 HG12 sing N N 164 
ILE CG1 HG13 sing N N 165 
ILE CG2 HG21 sing N N 166 
ILE CG2 HG22 sing N N 167 
ILE CG2 HG23 sing N N 168 
ILE CD1 HD11 sing N N 169 
ILE CD1 HD12 sing N N 170 
ILE CD1 HD13 sing N N 171 
ILE OXT HXT  sing N N 172 
LEU N   CA   sing N N 173 
LEU N   H    sing N N 174 
LEU N   H2   sing N N 175 
LEU CA  C    sing N N 176 
LEU CA  CB   sing N N 177 
LEU CA  HA   sing N N 178 
LEU C   O    doub N N 179 
LEU C   OXT  sing N N 180 
LEU CB  CG   sing N N 181 
LEU CB  HB2  sing N N 182 
LEU CB  HB3  sing N N 183 
LEU CG  CD1  sing N N 184 
LEU CG  CD2  sing N N 185 
LEU CG  HG   sing N N 186 
LEU CD1 HD11 sing N N 187 
LEU CD1 HD12 sing N N 188 
LEU CD1 HD13 sing N N 189 
LEU CD2 HD21 sing N N 190 
LEU CD2 HD22 sing N N 191 
LEU CD2 HD23 sing N N 192 
LEU OXT HXT  sing N N 193 
LYS N   CA   sing N N 194 
LYS N   H    sing N N 195 
LYS N   H2   sing N N 196 
LYS CA  C    sing N N 197 
LYS CA  CB   sing N N 198 
LYS CA  HA   sing N N 199 
LYS C   O    doub N N 200 
LYS C   OXT  sing N N 201 
LYS CB  CG   sing N N 202 
LYS CB  HB2  sing N N 203 
LYS CB  HB3  sing N N 204 
LYS CG  CD   sing N N 205 
LYS CG  HG2  sing N N 206 
LYS CG  HG3  sing N N 207 
LYS CD  CE   sing N N 208 
LYS CD  HD2  sing N N 209 
LYS CD  HD3  sing N N 210 
LYS CE  NZ   sing N N 211 
LYS CE  HE2  sing N N 212 
LYS CE  HE3  sing N N 213 
LYS NZ  HZ1  sing N N 214 
LYS NZ  HZ2  sing N N 215 
LYS NZ  HZ3  sing N N 216 
LYS OXT HXT  sing N N 217 
MSE N   CA   sing N N 218 
MSE N   H    sing N N 219 
MSE N   H2   sing N N 220 
MSE CA  C    sing N N 221 
MSE CA  CB   sing N N 222 
MSE CA  HA   sing N N 223 
MSE C   O    doub N N 224 
MSE C   OXT  sing N N 225 
MSE OXT HXT  sing N N 226 
MSE CB  CG   sing N N 227 
MSE CB  HB2  sing N N 228 
MSE CB  HB3  sing N N 229 
MSE CG  SE   sing N N 230 
MSE CG  HG2  sing N N 231 
MSE CG  HG3  sing N N 232 
MSE SE  CE   sing N N 233 
MSE CE  HE1  sing N N 234 
MSE CE  HE2  sing N N 235 
MSE CE  HE3  sing N N 236 
PHE N   CA   sing N N 237 
PHE N   H    sing N N 238 
PHE N   H2   sing N N 239 
PHE CA  C    sing N N 240 
PHE CA  CB   sing N N 241 
PHE CA  HA   sing N N 242 
PHE C   O    doub N N 243 
PHE C   OXT  sing N N 244 
PHE CB  CG   sing N N 245 
PHE CB  HB2  sing N N 246 
PHE CB  HB3  sing N N 247 
PHE CG  CD1  doub Y N 248 
PHE CG  CD2  sing Y N 249 
PHE CD1 CE1  sing Y N 250 
PHE CD1 HD1  sing N N 251 
PHE CD2 CE2  doub Y N 252 
PHE CD2 HD2  sing N N 253 
PHE CE1 CZ   doub Y N 254 
PHE CE1 HE1  sing N N 255 
PHE CE2 CZ   sing Y N 256 
PHE CE2 HE2  sing N N 257 
PHE CZ  HZ   sing N N 258 
PHE OXT HXT  sing N N 259 
PRO N   CA   sing N N 260 
PRO N   CD   sing N N 261 
PRO N   H    sing N N 262 
PRO CA  C    sing N N 263 
PRO CA  CB   sing N N 264 
PRO CA  HA   sing N N 265 
PRO C   O    doub N N 266 
PRO C   OXT  sing N N 267 
PRO CB  CG   sing N N 268 
PRO CB  HB2  sing N N 269 
PRO CB  HB3  sing N N 270 
PRO CG  CD   sing N N 271 
PRO CG  HG2  sing N N 272 
PRO CG  HG3  sing N N 273 
PRO CD  HD2  sing N N 274 
PRO CD  HD3  sing N N 275 
PRO OXT HXT  sing N N 276 
SER N   CA   sing N N 277 
SER N   H    sing N N 278 
SER N   H2   sing N N 279 
SER CA  C    sing N N 280 
SER CA  CB   sing N N 281 
SER CA  HA   sing N N 282 
SER C   O    doub N N 283 
SER C   OXT  sing N N 284 
SER CB  OG   sing N N 285 
SER CB  HB2  sing N N 286 
SER CB  HB3  sing N N 287 
SER OG  HG   sing N N 288 
SER OXT HXT  sing N N 289 
THR N   CA   sing N N 290 
THR N   H    sing N N 291 
THR N   H2   sing N N 292 
THR CA  C    sing N N 293 
THR CA  CB   sing N N 294 
THR CA  HA   sing N N 295 
THR C   O    doub N N 296 
THR C   OXT  sing N N 297 
THR CB  OG1  sing N N 298 
THR CB  CG2  sing N N 299 
THR CB  HB   sing N N 300 
THR OG1 HG1  sing N N 301 
THR CG2 HG21 sing N N 302 
THR CG2 HG22 sing N N 303 
THR CG2 HG23 sing N N 304 
THR OXT HXT  sing N N 305 
TYR N   CA   sing N N 306 
TYR N   H    sing N N 307 
TYR N   H2   sing N N 308 
TYR CA  C    sing N N 309 
TYR CA  CB   sing N N 310 
TYR CA  HA   sing N N 311 
TYR C   O    doub N N 312 
TYR C   OXT  sing N N 313 
TYR CB  CG   sing N N 314 
TYR CB  HB2  sing N N 315 
TYR CB  HB3  sing N N 316 
TYR CG  CD1  doub Y N 317 
TYR CG  CD2  sing Y N 318 
TYR CD1 CE1  sing Y N 319 
TYR CD1 HD1  sing N N 320 
TYR CD2 CE2  doub Y N 321 
TYR CD2 HD2  sing N N 322 
TYR CE1 CZ   doub Y N 323 
TYR CE1 HE1  sing N N 324 
TYR CE2 CZ   sing Y N 325 
TYR CE2 HE2  sing N N 326 
TYR CZ  OH   sing N N 327 
TYR OH  HH   sing N N 328 
TYR OXT HXT  sing N N 329 
VAL N   CA   sing N N 330 
VAL N   H    sing N N 331 
VAL N   H2   sing N N 332 
VAL CA  C    sing N N 333 
VAL CA  CB   sing N N 334 
VAL CA  HA   sing N N 335 
VAL C   O    doub N N 336 
VAL C   OXT  sing N N 337 
VAL CB  CG1  sing N N 338 
VAL CB  CG2  sing N N 339 
VAL CB  HB   sing N N 340 
VAL CG1 HG11 sing N N 341 
VAL CG1 HG12 sing N N 342 
VAL CG1 HG13 sing N N 343 
VAL CG2 HG21 sing N N 344 
VAL CG2 HG22 sing N N 345 
VAL CG2 HG23 sing N N 346 
VAL OXT HXT  sing N N 347 
# 
_pdbx_initial_refinement_model.id               1 
_pdbx_initial_refinement_model.entity_id_list   ? 
_pdbx_initial_refinement_model.type             'experimental model' 
_pdbx_initial_refinement_model.source_name      PDB 
_pdbx_initial_refinement_model.accession_code   1P27 
_pdbx_initial_refinement_model.details          ? 
# 
_atom_sites.entry_id                    2YWK 
_atom_sites.fract_transf_matrix[1][1]   0.01978076 
_atom_sites.fract_transf_matrix[1][2]   -0.00121103 
_atom_sites.fract_transf_matrix[1][3]   -0.01508264 
_atom_sites.fract_transf_matrix[2][1]   0.02111540 
_atom_sites.fract_transf_matrix[2][2]   -0.01052208 
_atom_sites.fract_transf_matrix[2][3]   0.00797715 
_atom_sites.fract_transf_matrix[3][1]   -0.00525963 
_atom_sites.fract_transf_matrix[3][2]   -0.01487874 
_atom_sites.fract_transf_matrix[3][3]   -0.00570331 
_atom_sites.fract_transf_vector[1]      0.695483 
_atom_sites.fract_transf_vector[2]      0.315361 
_atom_sites.fract_transf_vector[3]      -0.193649 
# 
loop_
_atom_type.symbol 
C 
N 
O 
S 
# 
loop_
_atom_site.group_PDB 
_atom_site.id 
_atom_site.type_symbol 
_atom_site.label_atom_id 
_atom_site.label_alt_id 
_atom_site.label_comp_id 
_atom_site.label_asym_id 
_atom_site.label_entity_id 
_atom_site.label_seq_id 
_atom_site.pdbx_PDB_ins_code 
_atom_site.Cartn_x 
_atom_site.Cartn_y 
_atom_site.Cartn_z 
_atom_site.occupancy 
_atom_site.B_iso_or_equiv 
_atom_site.pdbx_formal_charge 
_atom_site.auth_seq_id 
_atom_site.auth_comp_id 
_atom_site.auth_asym_id 
_atom_site.auth_atom_id 
_atom_site.pdbx_PDB_model_num 
ATOM   1   N N   . GLN A 1 12 ? -4.901  -5.948  -16.662 1.00 28.95 ? 5   GLN A N   1 
ATOM   2   C CA  . GLN A 1 12 ? -3.455  -6.027  -16.302 1.00 27.62 ? 5   GLN A CA  1 
ATOM   3   C C   . GLN A 1 12 ? -2.891  -4.622  -16.094 1.00 26.53 ? 5   GLN A C   1 
ATOM   4   O O   . GLN A 1 12 ? -1.988  -4.409  -15.279 1.00 23.86 ? 5   GLN A O   1 
ATOM   5   C CB  . GLN A 1 12 ? -2.683  -6.734  -17.419 1.00 29.68 ? 5   GLN A CB  1 
ATOM   6   C CG  . GLN A 1 12 ? -1.293  -7.191  -17.023 1.00 30.99 ? 5   GLN A CG  1 
ATOM   7   C CD  . GLN A 1 12 ? -1.321  -8.196  -15.889 1.00 32.42 ? 5   GLN A CD  1 
ATOM   8   O OE1 . GLN A 1 12 ? -1.961  -9.244  -15.988 1.00 32.83 ? 5   GLN A OE1 1 
ATOM   9   N NE2 . GLN A 1 12 ? -0.627  -7.882  -14.804 1.00 32.91 ? 5   GLN A NE2 1 
ATOM   10  N N   . GLU A 1 13 ? -3.442  -3.667  -16.836 1.00 24.62 ? 6   GLU A N   1 
ATOM   11  C CA  . GLU A 1 13 ? -3.015  -2.276  -16.769 1.00 24.57 ? 6   GLU A CA  1 
ATOM   12  C C   . GLU A 1 13 ? -3.052  -1.741  -15.335 1.00 21.41 ? 6   GLU A C   1 
ATOM   13  O O   . GLU A 1 13 ? -2.122  -1.056  -14.901 1.00 22.77 ? 6   GLU A O   1 
ATOM   14  C CB  . GLU A 1 13 ? -3.907  -1.431  -17.686 1.00 27.10 ? 6   GLU A CB  1 
ATOM   15  C CG  . GLU A 1 13 ? -3.413  -0.021  -17.959 1.00 30.28 ? 6   GLU A CG  1 
ATOM   16  C CD  . GLU A 1 13 ? -3.583  0.901   -16.773 1.00 31.81 ? 6   GLU A CD  1 
ATOM   17  O OE1 . GLU A 1 13 ? -4.711  0.979   -16.241 1.00 34.00 ? 6   GLU A OE1 1 
ATOM   18  O OE2 . GLU A 1 13 ? -2.592  1.551   -16.380 1.00 34.24 ? 6   GLU A OE2 1 
ATOM   19  N N   . GLU A 1 14 ? -4.114  -2.057  -14.599 1.00 18.52 ? 7   GLU A N   1 
ATOM   20  C CA  . GLU A 1 14 ? -4.234  -1.589  -13.218 1.00 15.60 ? 7   GLU A CA  1 
ATOM   21  C C   . GLU A 1 14 ? -3.407  -2.438  -12.247 1.00 13.12 ? 7   GLU A C   1 
ATOM   22  O O   . GLU A 1 14 ? -2.819  -1.913  -11.299 1.00 10.78 ? 7   GLU A O   1 
ATOM   23  C CB  . GLU A 1 14 ? -5.702  -1.581  -12.779 1.00 18.52 ? 7   GLU A CB  1 
ATOM   24  C CG  . GLU A 1 14 ? -5.930  -0.888  -11.441 1.00 17.24 ? 7   GLU A CG  1 
ATOM   25  C CD  . GLU A 1 14 ? -7.400  -0.707  -11.103 1.00 18.47 ? 7   GLU A CD  1 
ATOM   26  O OE1 . GLU A 1 14 ? -8.148  -0.179  -11.952 1.00 24.26 ? 7   GLU A OE1 1 
ATOM   27  O OE2 . GLU A 1 14 ? -7.806  -1.087  -9.984  1.00 13.68 ? 7   GLU A OE2 1 
ATOM   28  N N   . ALA A 1 15 ? -3.358  -3.746  -12.482 1.00 11.85 ? 8   ALA A N   1 
ATOM   29  C CA  . ALA A 1 15 ? -2.582  -4.630  -11.618 1.00 11.38 ? 8   ALA A CA  1 
ATOM   30  C C   . ALA A 1 15 ? -1.119  -4.190  -11.585 1.00 10.95 ? 8   ALA A C   1 
ATOM   31  O O   . ALA A 1 15 ? -0.479  -4.217  -10.534 1.00 10.21 ? 8   ALA A O   1 
ATOM   32  C CB  . ALA A 1 15 ? -2.687  -6.073  -12.106 1.00 13.13 ? 8   ALA A CB  1 
ATOM   33  N N   . ASP A 1 16 ? -0.596  -3.775  -12.737 1.00 11.05 ? 9   ASP A N   1 
ATOM   34  C CA  . ASP A 1 16 ? 0.795   -3.334  -12.836 1.00 10.26 ? 9   ASP A CA  1 
ATOM   35  C C   . ASP A 1 16 ? 1.105   -2.101  -11.997 1.00 10.47 ? 9   ASP A C   1 
ATOM   36  O O   . ASP A 1 16 ? 2.270   -1.824  -11.709 1.00 10.82 ? 9   ASP A O   1 
ATOM   37  C CB  . ASP A 1 16 ? 1.167   -3.007  -14.287 1.00 11.97 ? 9   ASP A CB  1 
ATOM   38  C CG  . ASP A 1 16 ? 1.303   -4.238  -15.161 1.00 14.11 ? 9   ASP A CG  1 
ATOM   39  O OD1 . ASP A 1 16 ? 1.445   -5.358  -14.630 1.00 14.21 ? 9   ASP A OD1 1 
ATOM   40  O OD2 . ASP A 1 16 ? 1.285   -4.069  -16.396 1.00 15.93 ? 9   ASP A OD2 1 
ATOM   41  N N   . ARG A 1 17 ? 0.063   -1.366  -11.615 1.00 8.90  ? 10  ARG A N   1 
ATOM   42  C CA  . ARG A 1 17 ? 0.214   -0.137  -10.838 1.00 10.32 ? 10  ARG A CA  1 
ATOM   43  C C   . ARG A 1 17 ? -0.249  -0.294  -9.396  1.00 8.52  ? 10  ARG A C   1 
ATOM   44  O O   . ARG A 1 17 ? -0.316  0.686   -8.658  1.00 8.50  ? 10  ARG A O   1 
ATOM   45  C CB  . ARG A 1 17 ? -0.606  0.986   -11.476 1.00 13.60 ? 10  ARG A CB  1 
ATOM   46  C CG  . ARG A 1 17 ? -0.201  1.373   -12.881 1.00 17.28 ? 10  ARG A CG  1 
ATOM   47  C CD  . ARG A 1 17 ? -1.152  2.428   -13.436 1.00 16.17 ? 10  ARG A CD  1 
ATOM   48  N NE  . ARG A 1 17 ? -2.446  1.879   -13.837 1.00 18.14 ? 10  ARG A NE  1 
ATOM   49  C CZ  . ARG A 1 17 ? -3.621  2.274   -13.352 1.00 18.25 ? 10  ARG A CZ  1 
ATOM   50  N NH1 . ARG A 1 17 ? -3.685  3.224   -12.433 1.00 20.98 ? 10  ARG A NH1 1 
ATOM   51  N NH2 . ARG A 1 17 ? -4.743  1.726   -13.803 1.00 22.49 ? 10  ARG A NH2 1 
ATOM   52  N N   . THR A 1 18 ? -0.568  -1.521  -9.003  1.00 8.63  ? 11  THR A N   1 
ATOM   53  C CA  . THR A 1 18 ? -1.060  -1.787  -7.656  1.00 8.15  ? 11  THR A CA  1 
ATOM   54  C C   . THR A 1 18 ? -0.024  -2.462  -6.764  1.00 8.98  ? 11  THR A C   1 
ATOM   55  O O   . THR A 1 18 ? 0.525   -3.506  -7.115  1.00 8.60  ? 11  THR A O   1 
ATOM   56  C CB  . THR A 1 18 ? -2.322  -2.680  -7.713  1.00 10.07 ? 11  THR A CB  1 
ATOM   57  O OG1 . THR A 1 18 ? -3.321  -2.040  -8.519  1.00 10.75 ? 11  THR A OG1 1 
ATOM   58  C CG2 . THR A 1 18 ? -2.885  -2.909  -6.318  1.00 9.94  ? 11  THR A CG2 1 
ATOM   59  N N   . VAL A 1 19 ? 0.241   -1.857  -5.611  1.00 7.77  ? 12  VAL A N   1 
ATOM   60  C CA  . VAL A 1 19 ? 1.194   -2.423  -4.664  1.00 8.54  ? 12  VAL A CA  1 
ATOM   61  C C   . VAL A 1 19 ? 0.471   -2.862  -3.393  1.00 9.11  ? 12  VAL A C   1 
ATOM   62  O O   . VAL A 1 19 ? -0.604  -2.361  -3.058  1.00 9.21  ? 12  VAL A O   1 
ATOM   63  C CB  . VAL A 1 19 ? 2.319   -1.422  -4.287  1.00 10.98 ? 12  VAL A CB  1 
ATOM   64  C CG1 . VAL A 1 19 ? 3.110   -1.034  -5.529  1.00 10.92 ? 12  VAL A CG1 1 
ATOM   65  C CG2 . VAL A 1 19 ? 1.736   -0.198  -3.616  1.00 12.08 ? 12  VAL A CG2 1 
ATOM   66  N N   . PHE A 1 20 ? 1.072   -3.817  -2.700  1.00 9.00  ? 13  PHE A N   1 
ATOM   67  C CA  . PHE A 1 20 ? 0.521   -4.362  -1.468  1.00 7.78  ? 13  PHE A CA  1 
ATOM   68  C C   . PHE A 1 20 ? 1.259   -3.779  -0.272  1.00 7.14  ? 13  PHE A C   1 
ATOM   69  O O   . PHE A 1 20 ? 2.466   -3.559  -0.334  1.00 7.98  ? 13  PHE A O   1 
ATOM   70  C CB  . PHE A 1 20 ? 0.693   -5.886  -1.473  1.00 7.81  ? 13  PHE A CB  1 
ATOM   71  C CG  . PHE A 1 20 ? 0.369   -6.545  -0.163  1.00 8.21  ? 13  PHE A CG  1 
ATOM   72  C CD1 . PHE A 1 20 ? -0.934  -6.926  0.139   1.00 11.45 ? 13  PHE A CD1 1 
ATOM   73  C CD2 . PHE A 1 20 ? 1.372   -6.782  0.774   1.00 10.15 ? 13  PHE A CD2 1 
ATOM   74  C CE1 . PHE A 1 20 ? -1.238  -7.537  1.359   1.00 11.22 ? 13  PHE A CE1 1 
ATOM   75  C CE2 . PHE A 1 20 ? 1.079   -7.392  1.999   1.00 11.33 ? 13  PHE A CE2 1 
ATOM   76  C CZ  . PHE A 1 20 ? -0.231  -7.769  2.287   1.00 11.51 ? 13  PHE A CZ  1 
ATOM   77  N N   . VAL A 1 21 ? 0.533   -3.508  0.807   1.00 7.38  ? 14  VAL A N   1 
ATOM   78  C CA  . VAL A 1 21 ? 1.161   -3.005  2.021   1.00 7.85  ? 14  VAL A CA  1 
ATOM   79  C C   . VAL A 1 21 ? 0.604   -3.812  3.191   1.00 7.90  ? 14  VAL A C   1 
ATOM   80  O O   . VAL A 1 21 ? -0.610  -3.903  3.380   1.00 8.60  ? 14  VAL A O   1 
ATOM   81  C CB  . VAL A 1 21 ? 0.905   -1.486  2.225   1.00 9.04  ? 14  VAL A CB  1 
ATOM   82  C CG1 . VAL A 1 21 ? -0.573  -1.205  2.426   1.00 10.72 ? 14  VAL A CG1 1 
ATOM   83  C CG2 . VAL A 1 21 ? 1.728   -0.985  3.405   1.00 9.87  ? 14  VAL A CG2 1 
ATOM   84  N N   . GLY A 1 22 ? 1.502   -4.426  3.953   1.00 7.94  ? 15  GLY A N   1 
ATOM   85  C CA  . GLY A 1 22 ? 1.086   -5.237  5.083   1.00 7.30  ? 15  GLY A CA  1 
ATOM   86  C C   . GLY A 1 22 ? 1.801   -4.874  6.370   1.00 7.38  ? 15  GLY A C   1 
ATOM   87  O O   . GLY A 1 22 ? 2.614   -3.951  6.410   1.00 7.50  ? 15  GLY A O   1 
ATOM   88  N N   . ASN A 1 23 ? 1.497   -5.627  7.423   1.00 8.65  ? 16  ASN A N   1 
ATOM   89  C CA  . ASN A 1 23 ? 2.070   -5.409  8.746   1.00 8.40  ? 16  ASN A CA  1 
ATOM   90  C C   . ASN A 1 23 ? 1.668   -4.029  9.253   1.00 8.72  ? 16  ASN A C   1 
ATOM   91  O O   . ASN A 1 23 ? 2.477   -3.293  9.824   1.00 8.53  ? 16  ASN A O   1 
ATOM   92  C CB  . ASN A 1 23 ? 3.599   -5.544  8.713   1.00 9.07  ? 16  ASN A CB  1 
ATOM   93  C CG  . ASN A 1 23 ? 4.169   -5.957  10.055  1.00 12.41 ? 16  ASN A CG  1 
ATOM   94  O OD1 . ASN A 1 23 ? 3.581   -6.777  10.760  1.00 13.80 ? 16  ASN A OD1 1 
ATOM   95  N ND2 . ASN A 1 23 ? 5.322   -5.405  10.412  1.00 12.28 ? 16  ASN A ND2 1 
ATOM   96  N N   . LEU A 1 24 ? 0.402   -3.685  9.036   1.00 8.48  ? 17  LEU A N   1 
ATOM   97  C CA  . LEU A 1 24 ? -0.118  -2.395  9.469   1.00 8.97  ? 17  LEU A CA  1 
ATOM   98  C C   . LEU A 1 24 ? -0.493  -2.411  10.947  1.00 10.57 ? 17  LEU A C   1 
ATOM   99  O O   . LEU A 1 24 ? -1.234  -3.283  11.408  1.00 10.66 ? 17  LEU A O   1 
ATOM   100 C CB  . LEU A 1 24 ? -1.349  -2.008  8.645   1.00 7.37  ? 17  LEU A CB  1 
ATOM   101 C CG  . LEU A 1 24 ? -1.186  -1.904  7.128   1.00 7.74  ? 17  LEU A CG  1 
ATOM   102 C CD1 . LEU A 1 24 ? -2.533  -1.568  6.506   1.00 9.26  ? 17  LEU A CD1 1 
ATOM   103 C CD2 . LEU A 1 24 ? -0.144  -0.850  6.782   1.00 10.29 ? 17  LEU A CD2 1 
ATOM   104 N N   . GLU A 1 25 ? 0.023   -1.431  11.681  1.00 10.26 ? 18  GLU A N   1 
ATOM   105 C CA  . GLU A 1 25 ? -0.251  -1.289  13.105  1.00 10.10 ? 18  GLU A CA  1 
ATOM   106 C C   . GLU A 1 25 ? -1.744  -0.985  13.253  1.00 10.38 ? 18  GLU A C   1 
ATOM   107 O O   . GLU A 1 25 ? -2.356  -0.406  12.356  1.00 10.54 ? 18  GLU A O   1 
ATOM   108 C CB  . GLU A 1 25 ? 0.606   -0.147  13.664  1.00 10.07 ? 18  GLU A CB  1 
ATOM   109 C CG  . GLU A 1 25 ? 0.873   -0.187  15.168  1.00 11.75 ? 18  GLU A CG  1 
ATOM   110 C CD  . GLU A 1 25 ? -0.192  0.517   15.986  1.00 13.74 ? 18  GLU A CD  1 
ATOM   111 O OE1 . GLU A 1 25 ? -0.847  1.439   15.459  1.00 12.15 ? 18  GLU A OE1 1 
ATOM   112 O OE2 . GLU A 1 25 ? -0.357  0.162   17.168  1.00 16.76 ? 18  GLU A OE2 1 
ATOM   113 N N   . ALA A 1 26 ? -2.327  -1.377  14.383  1.00 9.85  ? 19  ALA A N   1 
ATOM   114 C CA  . ALA A 1 26 ? -3.753  -1.180  14.635  1.00 10.10 ? 19  ALA A CA  1 
ATOM   115 C C   . ALA A 1 26 ? -4.316  0.218   14.368  1.00 8.44  ? 19  ALA A C   1 
ATOM   116 O O   . ALA A 1 26 ? -5.475  0.354   13.969  1.00 10.42 ? 19  ALA A O   1 
ATOM   117 C CB  . ALA A 1 26 ? -4.081  -1.595  16.068  1.00 9.91  ? 19  ALA A CB  1 
ATOM   118 N N   . ARG A 1 27 ? -3.508  1.250   14.583  1.00 9.11  ? 20  ARG A N   1 
ATOM   119 C CA  . ARG A 1 27 ? -3.964  2.622   14.378  1.00 9.02  ? 20  ARG A CA  1 
ATOM   120 C C   . ARG A 1 27 ? -3.941  3.110   12.931  1.00 10.47 ? 20  ARG A C   1 
ATOM   121 O O   . ARG A 1 27 ? -4.481  4.174   12.627  1.00 11.53 ? 20  ARG A O   1 
ATOM   122 C CB  . ARG A 1 27 ? -3.146  3.579   15.250  1.00 9.90  ? 20  ARG A CB  1 
ATOM   123 C CG  . ARG A 1 27 ? -3.454  3.474   16.737  1.00 8.74  ? 20  ARG A CG  1 
ATOM   124 C CD  . ARG A 1 27 ? -2.447  4.264   17.559  1.00 9.13  ? 20  ARG A CD  1 
ATOM   125 N NE  . ARG A 1 27 ? -1.117  3.665   17.509  1.00 10.52 ? 20  ARG A NE  1 
ATOM   126 C CZ  . ARG A 1 27 ? -0.039  4.189   18.083  1.00 11.25 ? 20  ARG A CZ  1 
ATOM   127 N NH1 . ARG A 1 27 ? -0.131  5.327   18.753  1.00 11.47 ? 20  ARG A NH1 1 
ATOM   128 N NH2 . ARG A 1 27 ? 1.131   3.571   17.997  1.00 12.82 ? 20  ARG A NH2 1 
ATOM   129 N N   . VAL A 1 28 ? -3.332  2.341   12.035  1.00 9.82  ? 21  VAL A N   1 
ATOM   130 C CA  . VAL A 1 28 ? -3.258  2.756   10.639  1.00 9.26  ? 21  VAL A CA  1 
ATOM   131 C C   . VAL A 1 28 ? -4.624  2.806   9.962   1.00 9.81  ? 21  VAL A C   1 
ATOM   132 O O   . VAL A 1 28 ? -5.424  1.879   10.073  1.00 11.48 ? 21  VAL A O   1 
ATOM   133 C CB  . VAL A 1 28 ? -2.331  1.822   9.822   1.00 9.17  ? 21  VAL A CB  1 
ATOM   134 C CG1 . VAL A 1 28 ? -2.332  2.241   8.354   1.00 10.16 ? 21  VAL A CG1 1 
ATOM   135 C CG2 . VAL A 1 28 ? -0.913  1.884   10.378  1.00 9.86  ? 21  VAL A CG2 1 
ATOM   136 N N   . ARG A 1 29 ? -4.885  3.910   9.272   1.00 9.53  ? 22  ARG A N   1 
ATOM   137 C CA  . ARG A 1 29 ? -6.137  4.099   8.549   1.00 10.04 ? 22  ARG A CA  1 
ATOM   138 C C   . ARG A 1 29 ? -5.780  4.459   7.114   1.00 9.10  ? 22  ARG A C   1 
ATOM   139 O O   . ARG A 1 29 ? -4.640  4.827   6.832   1.00 8.81  ? 22  ARG A O   1 
ATOM   140 C CB  . ARG A 1 29 ? -6.962  5.222   9.184   1.00 11.54 ? 22  ARG A CB  1 
ATOM   141 C CG  . ARG A 1 29 ? -7.380  4.950   10.627  1.00 12.99 ? 22  ARG A CG  1 
ATOM   142 C CD  . ARG A 1 29 ? -8.455  3.875   10.724  1.00 17.11 ? 22  ARG A CD  1 
ATOM   143 N NE  . ARG A 1 29 ? -8.779  3.569   12.116  1.00 18.29 ? 22  ARG A NE  1 
ATOM   144 C CZ  . ARG A 1 29 ? -8.076  2.740   12.885  1.00 19.76 ? 22  ARG A CZ  1 
ATOM   145 N NH1 . ARG A 1 29 ? -7.009  2.122   12.399  1.00 17.27 ? 22  ARG A NH1 1 
ATOM   146 N NH2 . ARG A 1 29 ? -8.433  2.538   14.147  1.00 23.69 ? 22  ARG A NH2 1 
ATOM   147 N N   . GLU A 1 30 ? -6.749  4.360   6.209   1.00 8.72  ? 23  GLU A N   1 
ATOM   148 C CA  . GLU A 1 30 ? -6.494  4.667   4.805   1.00 8.46  ? 23  GLU A CA  1 
ATOM   149 C C   . GLU A 1 30 ? -5.923  6.066   4.596   1.00 9.25  ? 23  GLU A C   1 
ATOM   150 O O   . GLU A 1 30 ? -5.095  6.273   3.712   1.00 9.47  ? 23  GLU A O   1 
ATOM   151 C CB  . GLU A 1 30 ? -7.777  4.492   3.981   1.00 10.23 ? 23  GLU A CB  1 
ATOM   152 C CG  . GLU A 1 30 ? -8.302  3.060   3.985   1.00 12.93 ? 23  GLU A CG  1 
ATOM   153 C CD  . GLU A 1 30 ? -9.521  2.857   3.098   1.00 15.48 ? 23  GLU A CD  1 
ATOM   154 O OE1 . GLU A 1 30 ? -10.151 3.857   2.689   1.00 17.99 ? 23  GLU A OE1 1 
ATOM   155 O OE2 . GLU A 1 30 ? -9.856  1.683   2.820   1.00 12.04 ? 23  GLU A OE2 1 
ATOM   156 N N   . GLU A 1 31 ? -6.350  7.023   5.418   1.00 9.24  ? 24  GLU A N   1 
ATOM   157 C CA  . GLU A 1 31 ? -5.859  8.394   5.287   1.00 10.50 ? 24  GLU A CA  1 
ATOM   158 C C   . GLU A 1 31 ? -4.353  8.495   5.528   1.00 9.65  ? 24  GLU A C   1 
ATOM   159 O O   . GLU A 1 31 ? -3.676  9.314   4.905   1.00 9.85  ? 24  GLU A O   1 
ATOM   160 C CB  . GLU A 1 31 ? -6.604  9.319   6.252   1.00 12.41 ? 24  GLU A CB  1 
ATOM   161 C CG  . GLU A 1 31 ? -8.115  9.234   6.121   1.00 18.42 ? 24  GLU A CG  1 
ATOM   162 C CD  . GLU A 1 31 ? -8.836  10.291  6.930   1.00 18.73 ? 24  GLU A CD  1 
ATOM   163 O OE1 . GLU A 1 31 ? -8.387  10.594  8.055   1.00 20.80 ? 24  GLU A OE1 1 
ATOM   164 O OE2 . GLU A 1 31 ? -9.863  10.807  6.443   1.00 23.20 ? 24  GLU A OE2 1 
ATOM   165 N N   . ILE A 1 32 ? -3.830  7.672   6.434   1.00 9.47  ? 25  ILE A N   1 
ATOM   166 C CA  . ILE A 1 32 ? -2.397  7.667   6.736   1.00 10.11 ? 25  ILE A CA  1 
ATOM   167 C C   . ILE A 1 32 ? -1.629  7.012   5.589   1.00 9.39  ? 25  ILE A C   1 
ATOM   168 O O   . ILE A 1 32 ? -0.547  7.463   5.209   1.00 9.32  ? 25  ILE A O   1 
ATOM   169 C CB  . ILE A 1 32 ? -2.100  6.886   8.040   1.00 10.18 ? 25  ILE A CB  1 
ATOM   170 C CG1 . ILE A 1 32 ? -2.772  7.577   9.229   1.00 15.75 ? 25  ILE A CG1 1 
ATOM   171 C CG2 . ILE A 1 32 ? -0.593  6.762   8.247   1.00 13.86 ? 25  ILE A CG2 1 
ATOM   172 C CD1 . ILE A 1 32 ? -2.340  9.013   9.437   1.00 17.48 ? 25  ILE A CD1 1 
ATOM   173 N N   . LEU A 1 33 ? -2.189  5.937   5.044   1.00 7.90  ? 26  LEU A N   1 
ATOM   174 C CA  . LEU A 1 33 ? -1.546  5.252   3.932   1.00 7.93  ? 26  LEU A CA  1 
ATOM   175 C C   . LEU A 1 33 ? -1.495  6.183   2.725   1.00 8.14  ? 26  LEU A C   1 
ATOM   176 O O   . LEU A 1 33 ? -0.505  6.223   2.004   1.00 7.40  ? 26  LEU A O   1 
ATOM   177 C CB  . LEU A 1 33 ? -2.304  3.969   3.574   1.00 9.56  ? 26  LEU A CB  1 
ATOM   178 C CG  . LEU A 1 33 ? -2.229  2.824   4.591   1.00 11.65 ? 26  LEU A CG  1 
ATOM   179 C CD1 . LEU A 1 33 ? -3.026  1.634   4.085   1.00 12.48 ? 26  LEU A CD1 1 
ATOM   180 C CD2 . LEU A 1 33 ? -0.774  2.427   4.812   1.00 12.67 ? 26  LEU A CD2 1 
ATOM   181 N N   . TYR A 1 34 ? -2.567  6.938   2.510   1.00 7.67  ? 27  TYR A N   1 
ATOM   182 C CA  . TYR A 1 34 ? -2.613  7.862   1.387   1.00 7.32  ? 27  TYR A CA  1 
ATOM   183 C C   . TYR A 1 34 ? -1.482  8.883   1.514   1.00 7.45  ? 27  TYR A C   1 
ATOM   184 O O   . TYR A 1 34 ? -0.740  9.125   0.561   1.00 8.31  ? 27  TYR A O   1 
ATOM   185 C CB  . TYR A 1 34 ? -3.964  8.585   1.351   1.00 8.10  ? 27  TYR A CB  1 
ATOM   186 C CG  . TYR A 1 34 ? -4.162  9.432   0.117   1.00 7.88  ? 27  TYR A CG  1 
ATOM   187 C CD1 . TYR A 1 34 ? -4.873  8.947   -0.981  1.00 8.80  ? 27  TYR A CD1 1 
ATOM   188 C CD2 . TYR A 1 34 ? -3.615  10.713  0.036   1.00 8.00  ? 27  TYR A CD2 1 
ATOM   189 C CE1 . TYR A 1 34 ? -5.036  9.723   -2.129  1.00 9.09  ? 27  TYR A CE1 1 
ATOM   190 C CE2 . TYR A 1 34 ? -3.767  11.489  -1.101  1.00 8.72  ? 27  TYR A CE2 1 
ATOM   191 C CZ  . TYR A 1 34 ? -4.479  10.992  -2.180  1.00 8.08  ? 27  TYR A CZ  1 
ATOM   192 O OH  . TYR A 1 34 ? -4.630  11.780  -3.296  1.00 9.67  ? 27  TYR A OH  1 
ATOM   193 N N   . GLU A 1 35 ? -1.353  9.478   2.696   1.00 7.79  ? 28  GLU A N   1 
ATOM   194 C CA  . GLU A 1 35 ? -0.309  10.477  2.931   1.00 7.63  ? 28  GLU A CA  1 
ATOM   195 C C   . GLU A 1 35 ? 1.074   9.900   2.682   1.00 8.95  ? 28  GLU A C   1 
ATOM   196 O O   . GLU A 1 35 ? 1.904   10.507  2.004   1.00 10.33 ? 28  GLU A O   1 
ATOM   197 C CB  . GLU A 1 35 ? -0.356  10.993  4.374   1.00 10.14 ? 28  GLU A CB  1 
ATOM   198 C CG  . GLU A 1 35 ? -1.608  11.762  4.737   1.00 9.17  ? 28  GLU A CG  1 
ATOM   199 C CD  . GLU A 1 35 ? -1.614  12.238  6.178   1.00 10.52 ? 28  GLU A CD  1 
ATOM   200 O OE1 . GLU A 1 35 ? -0.904  11.647  7.018   1.00 12.40 ? 28  GLU A OE1 1 
ATOM   201 O OE2 . GLU A 1 35 ? -2.349  13.199  6.476   1.00 10.93 ? 28  GLU A OE2 1 
ATOM   202 N N   . LEU A 1 36 ? 1.315   8.721   3.238   1.00 8.09  ? 29  LEU A N   1 
ATOM   203 C CA  . LEU A 1 36 ? 2.611   8.072   3.112   1.00 9.04  ? 29  LEU A CA  1 
ATOM   204 C C   . LEU A 1 36 ? 2.992   7.688   1.688   1.00 8.59  ? 29  LEU A C   1 
ATOM   205 O O   . LEU A 1 36 ? 4.113   7.950   1.248   1.00 9.54  ? 29  LEU A O   1 
ATOM   206 C CB  . LEU A 1 36 ? 2.658   6.823   3.993   1.00 10.46 ? 29  LEU A CB  1 
ATOM   207 C CG  . LEU A 1 36 ? 4.001   6.092   4.009   1.00 11.09 ? 29  LEU A CG  1 
ATOM   208 C CD1 . LEU A 1 36 ? 5.051   6.978   4.680   1.00 13.12 ? 29  LEU A CD1 1 
ATOM   209 C CD2 . LEU A 1 36 ? 3.862   4.768   4.760   1.00 13.18 ? 29  LEU A CD2 1 
ATOM   210 N N   . PHE A 1 37 ? 2.063   7.070   0.968   1.00 8.48  ? 30  PHE A N   1 
ATOM   211 C CA  . PHE A 1 37 ? 2.338   6.626   -0.391  1.00 6.79  ? 30  PHE A CA  1 
ATOM   212 C C   . PHE A 1 37 ? 2.286   7.689   -1.482  1.00 6.83  ? 30  PHE A C   1 
ATOM   213 O O   . PHE A 1 37 ? 2.867   7.497   -2.552  1.00 6.87  ? 30  PHE A O   1 
ATOM   214 C CB  . PHE A 1 37 ? 1.413   5.457   -0.759  1.00 6.70  ? 30  PHE A CB  1 
ATOM   215 C CG  . PHE A 1 37 ? 1.829   4.141   -0.152  1.00 7.97  ? 30  PHE A CG  1 
ATOM   216 C CD1 . PHE A 1 37 ? 1.593   3.868   1.193   1.00 7.87  ? 30  PHE A CD1 1 
ATOM   217 C CD2 . PHE A 1 37 ? 2.499   3.193   -0.921  1.00 10.11 ? 30  PHE A CD2 1 
ATOM   218 C CE1 . PHE A 1 37 ? 2.021   2.670   1.765   1.00 8.69  ? 30  PHE A CE1 1 
ATOM   219 C CE2 . PHE A 1 37 ? 2.934   1.992   -0.363  1.00 10.20 ? 30  PHE A CE2 1 
ATOM   220 C CZ  . PHE A 1 37 ? 2.694   1.728   0.985   1.00 10.13 ? 30  PHE A CZ  1 
ATOM   221 N N   . LEU A 1 38 ? 1.602   8.804   -1.229  1.00 6.97  ? 31  LEU A N   1 
ATOM   222 C CA  . LEU A 1 38 ? 1.512   9.861   -2.231  1.00 7.64  ? 31  LEU A CA  1 
ATOM   223 C C   . LEU A 1 38 ? 2.896   10.376  -2.619  1.00 9.30  ? 31  LEU A C   1 
ATOM   224 O O   . LEU A 1 38 ? 3.085   10.894  -3.717  1.00 9.72  ? 31  LEU A O   1 
ATOM   225 C CB  . LEU A 1 38 ? 0.651   11.027  -1.716  1.00 8.09  ? 31  LEU A CB  1 
ATOM   226 C CG  . LEU A 1 38 ? 0.355   12.144  -2.727  1.00 8.43  ? 31  LEU A CG  1 
ATOM   227 C CD1 . LEU A 1 38 ? -0.498  11.600  -3.866  1.00 8.72  ? 31  LEU A CD1 1 
ATOM   228 C CD2 . LEU A 1 38 ? -0.377  13.285  -2.036  1.00 9.03  ? 31  LEU A CD2 1 
ATOM   229 N N   . GLN A 1 39 ? 3.877   10.226  -1.735  1.00 8.84  ? 32  GLN A N   1 
ATOM   230 C CA  . GLN A 1 39 ? 5.206   10.716  -2.069  1.00 10.23 ? 32  GLN A CA  1 
ATOM   231 C C   . GLN A 1 39 ? 5.831   9.959   -3.236  1.00 9.59  ? 32  GLN A C   1 
ATOM   232 O O   . GLN A 1 39 ? 6.741   10.469  -3.882  1.00 10.85 ? 32  GLN A O   1 
ATOM   233 C CB  . GLN A 1 39 ? 6.126   10.678  -0.847  1.00 13.70 ? 32  GLN A CB  1 
ATOM   234 C CG  . GLN A 1 39 ? 6.452   9.314   -0.305  1.00 13.21 ? 32  GLN A CG  1 
ATOM   235 C CD  . GLN A 1 39 ? 7.246   9.411   0.985   1.00 14.48 ? 32  GLN A CD  1 
ATOM   236 O OE1 . GLN A 1 39 ? 8.317   10.022  1.025   1.00 17.47 ? 32  GLN A OE1 1 
ATOM   237 N NE2 . GLN A 1 39 ? 6.723   8.815   2.048   1.00 9.44  ? 32  GLN A NE2 1 
ATOM   238 N N   . ALA A 1 40 ? 5.331   8.758   -3.519  1.00 9.32  ? 33  ALA A N   1 
ATOM   239 C CA  . ALA A 1 40 ? 5.856   7.959   -4.622  1.00 8.80  ? 33  ALA A CA  1 
ATOM   240 C C   . ALA A 1 40 ? 5.183   8.311   -5.949  1.00 9.42  ? 33  ALA A C   1 
ATOM   241 O O   . ALA A 1 40 ? 5.544   7.773   -6.998  1.00 10.37 ? 33  ALA A O   1 
ATOM   242 C CB  . ALA A 1 40 ? 5.680   6.464   -4.324  1.00 9.31  ? 33  ALA A CB  1 
ATOM   243 N N   . GLY A 1 41 ? 4.205   9.213   -5.900  1.00 8.72  ? 34  GLY A N   1 
ATOM   244 C CA  . GLY A 1 41 ? 3.506   9.613   -7.108  1.00 9.25  ? 34  GLY A CA  1 
ATOM   245 C C   . GLY A 1 41 ? 2.000   9.680   -6.928  1.00 8.92  ? 34  GLY A C   1 
ATOM   246 O O   . GLY A 1 41 ? 1.473   9.225   -5.912  1.00 8.75  ? 34  GLY A O   1 
ATOM   247 N N   . PRO A 1 42 ? 1.280   10.252  -7.903  1.00 8.18  ? 35  PRO A N   1 
ATOM   248 C CA  . PRO A 1 42 ? -0.179  10.381  -7.852  1.00 8.33  ? 35  PRO A CA  1 
ATOM   249 C C   . PRO A 1 42 ? -0.871  9.051   -7.578  1.00 8.75  ? 35  PRO A C   1 
ATOM   250 O O   . PRO A 1 42 ? -0.515  8.019   -8.155  1.00 8.05  ? 35  PRO A O   1 
ATOM   251 C CB  . PRO A 1 42 ? -0.524  10.938  -9.229  1.00 10.21 ? 35  PRO A CB  1 
ATOM   252 C CG  . PRO A 1 42 ? 0.681   11.750  -9.569  1.00 13.25 ? 35  PRO A CG  1 
ATOM   253 C CD  . PRO A 1 42 ? 1.816   10.861  -9.133  1.00 10.32 ? 35  PRO A CD  1 
ATOM   254 N N   . LEU A 1 43 ? -1.864  9.089   -6.695  1.00 8.63  ? 36  LEU A N   1 
ATOM   255 C CA  . LEU A 1 43 ? -2.621  7.902   -6.316  1.00 9.12  ? 36  LEU A CA  1 
ATOM   256 C C   . LEU A 1 43 ? -4.004  7.866   -6.951  1.00 8.61  ? 36  LEU A C   1 
ATOM   257 O O   . LEU A 1 43 ? -4.653  8.901   -7.122  1.00 9.41  ? 36  LEU A O   1 
ATOM   258 C CB  . LEU A 1 43 ? -2.785  7.844   -4.794  1.00 9.09  ? 36  LEU A CB  1 
ATOM   259 C CG  . LEU A 1 43 ? -1.536  7.537   -3.970  1.00 9.93  ? 36  LEU A CG  1 
ATOM   260 C CD1 . LEU A 1 43 ? -1.820  7.726   -2.485  1.00 10.35 ? 36  LEU A CD1 1 
ATOM   261 C CD2 . LEU A 1 43 ? -1.108  6.117   -4.251  1.00 13.63 ? 36  LEU A CD2 1 
ATOM   262 N N   . THR A 1 44 ? -4.442  6.662   -7.296  1.00 9.23  ? 37  THR A N   1 
ATOM   263 C CA  . THR A 1 44 ? -5.761  6.447   -7.871  1.00 9.70  ? 37  THR A CA  1 
ATOM   264 C C   . THR A 1 44 ? -6.700  6.145   -6.711  1.00 9.29  ? 37  THR A C   1 
ATOM   265 O O   . THR A 1 44 ? -7.776  6.734   -6.590  1.00 10.30 ? 37  THR A O   1 
ATOM   266 C CB  . THR A 1 44 ? -5.768  5.238   -8.830  1.00 10.49 ? 37  THR A CB  1 
ATOM   267 O OG1 . THR A 1 44 ? -4.930  5.514   -9.956  1.00 12.63 ? 37  THR A OG1 1 
ATOM   268 C CG2 . THR A 1 44 ? -7.182  4.940   -9.308  1.00 10.13 ? 37  THR A CG2 1 
ATOM   269 N N   . LYS A 1 45 ? -6.274  5.232   -5.844  1.00 9.29  ? 38  LYS A N   1 
ATOM   270 C CA  . LYS A 1 45 ? -7.075  4.830   -4.697  1.00 8.54  ? 38  LYS A CA  1 
ATOM   271 C C   . LYS A 1 45 ? -6.240  4.022   -3.707  1.00 8.51  ? 38  LYS A C   1 
ATOM   272 O O   . LYS A 1 45 ? -5.195  3.475   -4.057  1.00 8.89  ? 38  LYS A O   1 
ATOM   273 C CB  . LYS A 1 45 ? -8.263  3.989   -5.174  1.00 8.86  ? 38  LYS A CB  1 
ATOM   274 C CG  . LYS A 1 45 ? -7.851  2.816   -6.048  1.00 9.10  ? 38  LYS A CG  1 
ATOM   275 C CD  . LYS A 1 45 ? -9.043  2.185   -6.758  1.00 8.78  ? 38  LYS A CD  1 
ATOM   276 C CE  . LYS A 1 45 ? -8.578  1.066   -7.675  1.00 10.14 ? 38  LYS A CE  1 
ATOM   277 N NZ  . LYS A 1 45 ? -9.703  0.458   -8.445  1.00 11.29 ? 38  LYS A NZ  1 
ATOM   278 N N   . VAL A 1 46 ? -6.713  3.966   -2.468  1.00 8.50  ? 39  VAL A N   1 
ATOM   279 C CA  . VAL A 1 46 ? -6.051  3.222   -1.405  1.00 9.04  ? 39  VAL A CA  1 
ATOM   280 C C   . VAL A 1 46 ? -7.128  2.402   -0.719  1.00 8.74  ? 39  VAL A C   1 
ATOM   281 O O   . VAL A 1 46 ? -8.236  2.889   -0.497  1.00 10.12 ? 39  VAL A O   1 
ATOM   282 C CB  . VAL A 1 46 ? -5.406  4.166   -0.371  1.00 10.71 ? 39  VAL A CB  1 
ATOM   283 C CG1 . VAL A 1 46 ? -4.896  3.371   0.824   1.00 13.81 ? 39  VAL A CG1 1 
ATOM   284 C CG2 . VAL A 1 46 ? -4.273  4.938   -1.020  1.00 11.92 ? 39  VAL A CG2 1 
ATOM   285 N N   . THR A 1 47 ? -6.807  1.161   -0.377  1.00 8.69  ? 40  THR A N   1 
ATOM   286 C CA  . THR A 1 47 ? -7.790  0.304   0.261   1.00 11.16 ? 40  THR A CA  1 
ATOM   287 C C   . THR A 1 47 ? -7.217  -0.583  1.347   1.00 11.13 ? 40  THR A C   1 
ATOM   288 O O   . THR A 1 47 ? -6.246  -1.300  1.122   1.00 14.60 ? 40  THR A O   1 
ATOM   289 C CB  . THR A 1 47 ? -8.454  -0.644  -0.759  1.00 12.80 ? 40  THR A CB  1 
ATOM   290 O OG1 . THR A 1 47 ? -8.888  0.096   -1.907  1.00 18.99 ? 40  THR A OG1 1 
ATOM   291 C CG2 . THR A 1 47 ? -9.647  -1.349  -0.121  1.00 14.62 ? 40  THR A CG2 1 
ATOM   292 N N   . ILE A 1 48 ? -7.809  -0.526  2.533   1.00 10.06 ? 41  ILE A N   1 
ATOM   293 C CA  . ILE A 1 48 ? -7.392  -1.419  3.602   1.00 9.44  ? 41  ILE A CA  1 
ATOM   294 C C   . ILE A 1 48 ? -8.428  -2.533  3.491   1.00 9.56  ? 41  ILE A C   1 
ATOM   295 O O   . ILE A 1 48 ? -9.632  -2.282  3.557   1.00 11.84 ? 41  ILE A O   1 
ATOM   296 C CB  . ILE A 1 48 ? -7.452  -0.744  4.987   1.00 10.23 ? 41  ILE A CB  1 
ATOM   297 C CG1 . ILE A 1 48 ? -6.245  0.185   5.152   1.00 10.54 ? 41  ILE A CG1 1 
ATOM   298 C CG2 . ILE A 1 48 ? -7.464  -1.798  6.085   1.00 11.71 ? 41  ILE A CG2 1 
ATOM   299 C CD1 . ILE A 1 48 ? -6.175  0.881   6.499   1.00 10.61 ? 41  ILE A CD1 1 
ATOM   300 N N   . CYS A 1 49 ? -7.955  -3.756  3.280   1.00 9.46  ? 42  CYS A N   1 
ATOM   301 C CA  . CYS A 1 49 ? -8.837  -4.903  3.113   1.00 8.82  ? 42  CYS A CA  1 
ATOM   302 C C   . CYS A 1 49 ? -9.768  -5.184  4.281   1.00 9.15  ? 42  CYS A C   1 
ATOM   303 O O   . CYS A 1 49 ? -9.405  -5.018  5.447   1.00 8.68  ? 42  CYS A O   1 
ATOM   304 C CB  . CYS A 1 49 ? -8.014  -6.158  2.818   1.00 8.74  ? 42  CYS A CB  1 
ATOM   305 S SG  . CYS A 1 49 ? -7.034  -6.064  1.298   1.00 12.44 ? 42  CYS A SG  1 
ATOM   306 N N   . LYS A 1 50 ? -10.978 -5.620  3.950   1.00 9.61  ? 43  LYS A N   1 
ATOM   307 C CA  . LYS A 1 50 ? -11.976 -5.963  4.953   1.00 9.89  ? 43  LYS A CA  1 
ATOM   308 C C   . LYS A 1 50 ? -12.314 -7.433  4.777   1.00 11.12 ? 43  LYS A C   1 
ATOM   309 O O   . LYS A 1 50 ? -12.174 -7.977  3.679   1.00 10.38 ? 43  LYS A O   1 
ATOM   310 C CB  . LYS A 1 50 ? -13.242 -5.126  4.765   1.00 11.87 ? 43  LYS A CB  1 
ATOM   311 C CG  . LYS A 1 50 ? -13.073 -3.655  5.083   1.00 14.18 ? 43  LYS A CG  1 
ATOM   312 C CD  . LYS A 1 50 ? -14.365 -2.899  4.829   1.00 17.78 ? 43  LYS A CD  1 
ATOM   313 C CE  . LYS A 1 50 ? -14.218 -1.424  5.159   1.00 21.86 ? 43  LYS A CE  1 
ATOM   314 N NZ  . LYS A 1 50 ? -15.448 -0.659  4.817   1.00 26.05 ? 43  LYS A NZ  1 
ATOM   315 N N   . ASP A 1 51 ? -12.749 -8.081  5.851   1.00 11.17 ? 44  ASP A N   1 
ATOM   316 C CA  . ASP A 1 51 ? -13.108 -9.488  5.764   1.00 13.94 ? 44  ASP A CA  1 
ATOM   317 C C   . ASP A 1 51 ? -14.572 -9.638  5.366   1.00 16.17 ? 44  ASP A C   1 
ATOM   318 O O   . ASP A 1 51 ? -15.245 -8.657  5.041   1.00 15.07 ? 44  ASP A O   1 
ATOM   319 C CB  . ASP A 1 51 ? -12.852 -10.212 7.093   1.00 15.53 ? 44  ASP A CB  1 
ATOM   320 C CG  . ASP A 1 51 ? -13.611 -9.603  8.260   1.00 17.86 ? 44  ASP A CG  1 
ATOM   321 O OD1 . ASP A 1 51 ? -14.712 -9.055  8.052   1.00 17.10 ? 44  ASP A OD1 1 
ATOM   322 O OD2 . ASP A 1 51 ? -13.105 -9.691  9.400   1.00 21.98 ? 44  ASP A OD2 1 
ATOM   323 N N   . ARG A 1 52 ? -15.054 -10.873 5.397   1.00 18.50 ? 45  ARG A N   1 
ATOM   324 C CA  . ARG A 1 52 ? -16.430 -11.177 5.032   1.00 21.81 ? 45  ARG A CA  1 
ATOM   325 C C   . ARG A 1 52 ? -17.433 -10.348 5.840   1.00 22.45 ? 45  ARG A C   1 
ATOM   326 O O   . ARG A 1 52 ? -18.461 -9.918  5.312   1.00 22.18 ? 45  ARG A O   1 
ATOM   327 C CB  . ARG A 1 52 ? -16.686 -12.672 5.242   1.00 22.63 ? 45  ARG A CB  1 
ATOM   328 C CG  . ARG A 1 52 ? -17.958 -13.206 4.605   1.00 25.89 ? 45  ARG A CG  1 
ATOM   329 C CD  . ARG A 1 52 ? -18.161 -14.673 4.963   1.00 26.66 ? 45  ARG A CD  1 
ATOM   330 N NE  . ARG A 1 52 ? -17.054 -15.516 4.519   1.00 27.43 ? 45  ARG A NE  1 
ATOM   331 C CZ  . ARG A 1 52 ? -16.819 -15.845 3.251   1.00 27.68 ? 45  ARG A CZ  1 
ATOM   332 N NH1 . ARG A 1 52 ? -17.620 -15.404 2.290   1.00 28.09 ? 45  ARG A NH1 1 
ATOM   333 N NH2 . ARG A 1 52 ? -15.782 -16.612 2.943   1.00 29.21 ? 45  ARG A NH2 1 
ATOM   334 N N   . GLU A 1 53 ? -17.124 -10.113 7.114   1.00 21.31 ? 46  GLU A N   1 
ATOM   335 C CA  . GLU A 1 53 ? -18.010 -9.347  7.993   1.00 22.56 ? 46  GLU A CA  1 
ATOM   336 C C   . GLU A 1 53 ? -17.803 -7.834  7.939   1.00 21.60 ? 46  GLU A C   1 
ATOM   337 O O   . GLU A 1 53 ? -18.454 -7.090  8.673   1.00 22.69 ? 46  GLU A O   1 
ATOM   338 C CB  . GLU A 1 53 ? -17.860 -9.822  9.441   1.00 24.59 ? 46  GLU A CB  1 
ATOM   339 C CG  . GLU A 1 53 ? -18.365 -11.235 9.703   1.00 29.00 ? 46  GLU A CG  1 
ATOM   340 C CD  . GLU A 1 53 ? -17.585 -12.289 8.943   1.00 31.92 ? 46  GLU A CD  1 
ATOM   341 O OE1 . GLU A 1 53 ? -16.353 -12.379 9.138   1.00 34.12 ? 46  GLU A OE1 1 
ATOM   342 O OE2 . GLU A 1 53 ? -18.204 -13.033 8.152   1.00 34.46 ? 46  GLU A OE2 1 
ATOM   343 N N   . GLY A 1 54 ? -16.894 -7.379  7.081   1.00 19.52 ? 47  GLY A N   1 
ATOM   344 C CA  . GLY A 1 54 ? -16.647 -5.953  6.957   1.00 18.61 ? 47  GLY A CA  1 
ATOM   345 C C   . GLY A 1 54 ? -15.637 -5.375  7.934   1.00 18.07 ? 47  GLY A C   1 
ATOM   346 O O   . GLY A 1 54 ? -15.508 -4.154  8.041   1.00 17.62 ? 47  GLY A O   1 
ATOM   347 N N   . LYS A 1 55 ? -14.920 -6.241  8.645   1.00 17.44 ? 48  LYS A N   1 
ATOM   348 C CA  . LYS A 1 55 ? -13.920 -5.792  9.610   1.00 17.72 ? 48  LYS A CA  1 
ATOM   349 C C   . LYS A 1 55 ? -12.580 -5.542  8.921   1.00 16.35 ? 48  LYS A C   1 
ATOM   350 O O   . LYS A 1 55 ? -12.078 -6.399  8.194   1.00 14.09 ? 48  LYS A O   1 
ATOM   351 C CB  . LYS A 1 55 ? -13.734 -6.837  10.717  1.00 19.97 ? 48  LYS A CB  1 
ATOM   352 C CG  . LYS A 1 55 ? -14.999 -7.164  11.499  1.00 23.42 ? 48  LYS A CG  1 
ATOM   353 C CD  . LYS A 1 55 ? -14.708 -8.072  12.692  1.00 25.39 ? 48  LYS A CD  1 
ATOM   354 C CE  . LYS A 1 55 ? -14.101 -9.407  12.270  1.00 26.97 ? 48  LYS A CE  1 
ATOM   355 N NZ  . LYS A 1 55 ? -15.018 -10.211 11.413  1.00 26.80 ? 48  LYS A NZ  1 
ATOM   356 N N   . PRO A 1 56 ? -11.988 -4.356  9.131   1.00 15.94 ? 49  PRO A N   1 
ATOM   357 C CA  . PRO A 1 56 ? -10.699 -4.037  8.508   1.00 15.11 ? 49  PRO A CA  1 
ATOM   358 C C   . PRO A 1 56 ? -9.579  -4.958  8.985   1.00 14.05 ? 49  PRO A C   1 
ATOM   359 O O   . PRO A 1 56 ? -9.539  -5.348  10.154  1.00 14.47 ? 49  PRO A O   1 
ATOM   360 C CB  . PRO A 1 56 ? -10.465 -2.585  8.920   1.00 16.68 ? 49  PRO A CB  1 
ATOM   361 C CG  . PRO A 1 56 ? -11.860 -2.042  9.045   1.00 17.95 ? 49  PRO A CG  1 
ATOM   362 C CD  . PRO A 1 56 ? -12.573 -3.161  9.767   1.00 16.76 ? 49  PRO A CD  1 
ATOM   363 N N   . LYS A 1 57 ? -8.671  -5.296  8.072   1.00 11.70 ? 50  LYS A N   1 
ATOM   364 C CA  . LYS A 1 57 ? -7.542  -6.166  8.380   1.00 12.47 ? 50  LYS A CA  1 
ATOM   365 C C   . LYS A 1 57 ? -6.255  -5.347  8.463   1.00 11.57 ? 50  LYS A C   1 
ATOM   366 O O   . LYS A 1 57 ? -6.276  -4.128  8.293   1.00 12.91 ? 50  LYS A O   1 
ATOM   367 C CB  . LYS A 1 57 ? -7.404  -7.251  7.308   1.00 14.49 ? 50  LYS A CB  1 
ATOM   368 C CG  . LYS A 1 57 ? -8.703  -7.990  7.003   1.00 18.64 ? 50  LYS A CG  1 
ATOM   369 C CD  . LYS A 1 57 ? -9.309  -8.620  8.250   1.00 24.24 ? 50  LYS A CD  1 
ATOM   370 C CE  . LYS A 1 57 ? -8.409  -9.698  8.827   1.00 25.87 ? 50  LYS A CE  1 
ATOM   371 N NZ  . LYS A 1 57 ? -9.029  -10.356 10.011  1.00 30.27 ? 50  LYS A NZ  1 
ATOM   372 N N   . SER A 1 58 ? -5.134  -6.020  8.713   1.00 10.76 ? 51  SER A N   1 
ATOM   373 C CA  . SER A 1 58 ? -3.848  -5.336  8.848   1.00 8.82  ? 51  SER A CA  1 
ATOM   374 C C   . SER A 1 58 ? -3.058  -5.223  7.551   1.00 9.09  ? 51  SER A C   1 
ATOM   375 O O   . SER A 1 58 ? -1.825  -5.198  7.568   1.00 8.73  ? 51  SER A O   1 
ATOM   376 C CB  . SER A 1 58 ? -2.990  -6.043  9.903   1.00 9.62  ? 51  SER A CB  1 
ATOM   377 O OG  . SER A 1 58 ? -2.680  -7.366  9.504   1.00 12.43 ? 51  SER A OG  1 
ATOM   378 N N   . PHE A 1 59 ? -3.763  -5.152  6.428   1.00 7.99  ? 52  PHE A N   1 
ATOM   379 C CA  . PHE A 1 59 ? -3.108  -5.027  5.130   1.00 7.61  ? 52  PHE A CA  1 
ATOM   380 C C   . PHE A 1 59 ? -4.050  -4.426  4.098   1.00 8.13  ? 52  PHE A C   1 
ATOM   381 O O   . PHE A 1 59 ? -5.263  -4.383  4.298   1.00 7.12  ? 52  PHE A O   1 
ATOM   382 C CB  . PHE A 1 59 ? -2.590  -6.394  4.658   1.00 7.62  ? 52  PHE A CB  1 
ATOM   383 C CG  . PHE A 1 59 ? -3.657  -7.448  4.527   1.00 8.35  ? 52  PHE A CG  1 
ATOM   384 C CD1 . PHE A 1 59 ? -4.419  -7.550  3.369   1.00 9.54  ? 52  PHE A CD1 1 
ATOM   385 C CD2 . PHE A 1 59 ? -3.884  -8.353  5.560   1.00 10.62 ? 52  PHE A CD2 1 
ATOM   386 C CE1 . PHE A 1 59 ? -5.391  -8.542  3.239   1.00 10.76 ? 52  PHE A CE1 1 
ATOM   387 C CE2 . PHE A 1 59 ? -4.852  -9.348  5.441   1.00 10.46 ? 52  PHE A CE2 1 
ATOM   388 C CZ  . PHE A 1 59 ? -5.606  -9.442  4.277   1.00 11.10 ? 52  PHE A CZ  1 
ATOM   389 N N   . GLY A 1 60 ? -3.477  -3.948  2.999   1.00 7.53  ? 53  GLY A N   1 
ATOM   390 C CA  . GLY A 1 60 ? -4.281  -3.348  1.957   1.00 7.44  ? 53  GLY A CA  1 
ATOM   391 C C   . GLY A 1 60 ? -3.522  -3.173  0.661   1.00 6.09  ? 53  GLY A C   1 
ATOM   392 O O   . GLY A 1 60 ? -2.406  -3.675  0.495   1.00 7.45  ? 53  GLY A O   1 
ATOM   393 N N   . PHE A 1 61 ? -4.142  -2.444  -0.259  1.00 7.16  ? 54  PHE A N   1 
ATOM   394 C CA  . PHE A 1 61 ? -3.569  -2.194  -1.571  1.00 7.84  ? 54  PHE A CA  1 
ATOM   395 C C   . PHE A 1 61 ? -3.560  -0.710  -1.881  1.00 8.56  ? 54  PHE A C   1 
ATOM   396 O O   . PHE A 1 61 ? -4.467  0.029   -1.494  1.00 9.16  ? 54  PHE A O   1 
ATOM   397 C CB  . PHE A 1 61 ? -4.388  -2.917  -2.645  1.00 7.20  ? 54  PHE A CB  1 
ATOM   398 C CG  . PHE A 1 61 ? -4.313  -4.415  -2.568  1.00 10.18 ? 54  PHE A CG  1 
ATOM   399 C CD1 . PHE A 1 61 ? -3.251  -5.103  -3.151  1.00 10.18 ? 54  PHE A CD1 1 
ATOM   400 C CD2 . PHE A 1 61 ? -5.305  -5.142  -1.918  1.00 10.02 ? 54  PHE A CD2 1 
ATOM   401 C CE1 . PHE A 1 61 ? -3.180  -6.493  -3.089  1.00 12.02 ? 54  PHE A CE1 1 
ATOM   402 C CE2 . PHE A 1 61 ? -5.242  -6.528  -1.850  1.00 10.04 ? 54  PHE A CE2 1 
ATOM   403 C CZ  . PHE A 1 61 ? -4.174  -7.207  -2.438  1.00 11.94 ? 54  PHE A CZ  1 
ATOM   404 N N   . VAL A 1 62 ? -2.522  -0.284  -2.588  1.00 7.63  ? 55  VAL A N   1 
ATOM   405 C CA  . VAL A 1 62 ? -2.375  1.101   -2.999  1.00 7.73  ? 55  VAL A CA  1 
ATOM   406 C C   . VAL A 1 62 ? -2.235  1.078   -4.515  1.00 7.86  ? 55  VAL A C   1 
ATOM   407 O O   . VAL A 1 62 ? -1.338  0.426   -5.053  1.00 8.98  ? 55  VAL A O   1 
ATOM   408 C CB  . VAL A 1 62 ? -1.117  1.736   -2.378  1.00 9.31  ? 55  VAL A CB  1 
ATOM   409 C CG1 . VAL A 1 62 ? -0.936  3.147   -2.902  1.00 11.50 ? 55  VAL A CG1 1 
ATOM   410 C CG2 . VAL A 1 62 ? -1.245  1.751   -0.859  1.00 10.12 ? 55  VAL A CG2 1 
ATOM   411 N N   . CYS A 1 63 ? -3.132  1.772   -5.203  1.00 7.33  ? 56  CYS A N   1 
ATOM   412 C CA  . CYS A 1 63 ? -3.099  1.812   -6.658  1.00 7.23  ? 56  CYS A CA  1 
ATOM   413 C C   . CYS A 1 63 ? -2.633  3.183   -7.124  1.00 7.62  ? 56  CYS A C   1 
ATOM   414 O O   . CYS A 1 63 ? -3.255  4.198   -6.814  1.00 8.40  ? 56  CYS A O   1 
ATOM   415 C CB  . CYS A 1 63 ? -4.489  1.516   -7.225  1.00 7.82  ? 56  CYS A CB  1 
ATOM   416 S SG  . CYS A 1 63 ? -4.556  1.440   -9.025  1.00 10.21 ? 56  CYS A SG  1 
ATOM   417 N N   . PHE A 1 64 ? -1.526  3.196   -7.858  1.00 7.14  ? 57  PHE A N   1 
ATOM   418 C CA  . PHE A 1 64 ? -0.944  4.427   -8.383  1.00 7.56  ? 57  PHE A CA  1 
ATOM   419 C C   . PHE A 1 64 ? -1.451  4.713   -9.788  1.00 8.90  ? 57  PHE A C   1 
ATOM   420 O O   . PHE A 1 64 ? -1.880  3.807   -10.500 1.00 9.34  ? 57  PHE A O   1 
ATOM   421 C CB  . PHE A 1 64 ? 0.581   4.302   -8.429  1.00 7.65  ? 57  PHE A CB  1 
ATOM   422 C CG  . PHE A 1 64 ? 1.241   4.390   -7.086  1.00 7.33  ? 57  PHE A CG  1 
ATOM   423 C CD1 . PHE A 1 64 ? 1.441   5.626   -6.477  1.00 8.06  ? 57  PHE A CD1 1 
ATOM   424 C CD2 . PHE A 1 64 ? 1.668   3.241   -6.429  1.00 7.68  ? 57  PHE A CD2 1 
ATOM   425 C CE1 . PHE A 1 64 ? 2.060   5.719   -5.231  1.00 7.83  ? 57  PHE A CE1 1 
ATOM   426 C CE2 . PHE A 1 64 ? 2.288   3.322   -5.180  1.00 8.33  ? 57  PHE A CE2 1 
ATOM   427 C CZ  . PHE A 1 64 ? 2.485   4.563   -4.582  1.00 9.17  ? 57  PHE A CZ  1 
ATOM   428 N N   . LYS A 1 65 ? -1.391  5.977   -10.194 1.00 9.39  ? 58  LYS A N   1 
ATOM   429 C CA  . LYS A 1 65 ? -1.833  6.342   -11.533 1.00 10.08 ? 58  LYS A CA  1 
ATOM   430 C C   . LYS A 1 65 ? -0.799  5.903   -12.559 1.00 9.91  ? 58  LYS A C   1 
ATOM   431 O O   . LYS A 1 65 ? -1.137  5.614   -13.709 1.00 11.92 ? 58  LYS A O   1 
ATOM   432 C CB  . LYS A 1 65 ? -2.042  7.853   -11.643 1.00 10.73 ? 58  LYS A CB  1 
ATOM   433 C CG  . LYS A 1 65 ? -3.153  8.379   -10.764 1.00 12.11 ? 58  LYS A CG  1 
ATOM   434 C CD  . LYS A 1 65 ? -3.589  9.758   -11.208 1.00 14.05 ? 58  LYS A CD  1 
ATOM   435 C CE  . LYS A 1 65 ? -4.758  10.253  -10.375 1.00 15.43 ? 58  LYS A CE  1 
ATOM   436 N NZ  . LYS A 1 65 ? -5.381  11.459  -10.987 1.00 19.40 ? 58  LYS A NZ  1 
ATOM   437 N N   . HIS A 1 66 ? 0.460   5.836   -12.129 1.00 9.96  ? 59  HIS A N   1 
ATOM   438 C CA  . HIS A 1 66 ? 1.560   5.465   -13.015 1.00 10.75 ? 59  HIS A CA  1 
ATOM   439 C C   . HIS A 1 66 ? 2.386   4.308   -12.470 1.00 11.11 ? 59  HIS A C   1 
ATOM   440 O O   . HIS A 1 66 ? 2.730   4.277   -11.289 1.00 11.33 ? 59  HIS A O   1 
ATOM   441 C CB  . HIS A 1 66 ? 2.463   6.677   -13.231 1.00 12.78 ? 59  HIS A CB  1 
ATOM   442 C CG  . HIS A 1 66 ? 1.730   7.895   -13.699 1.00 15.09 ? 59  HIS A CG  1 
ATOM   443 N ND1 . HIS A 1 66 ? 1.227   8.016   -14.977 1.00 18.36 ? 59  HIS A ND1 1 
ATOM   444 C CD2 . HIS A 1 66 ? 1.392   9.035   -13.052 1.00 15.70 ? 59  HIS A CD2 1 
ATOM   445 C CE1 . HIS A 1 66 ? 0.611   9.178   -15.097 1.00 18.31 ? 59  HIS A CE1 1 
ATOM   446 N NE2 . HIS A 1 66 ? 0.698   9.816   -13.943 1.00 18.01 ? 59  HIS A NE2 1 
ATOM   447 N N   . PRO A 1 67 ? 2.732   3.344   -13.336 1.00 12.26 ? 60  PRO A N   1 
ATOM   448 C CA  . PRO A 1 67 ? 3.524   2.181   -12.922 1.00 11.08 ? 60  PRO A CA  1 
ATOM   449 C C   . PRO A 1 67 ? 4.920   2.520   -12.404 1.00 10.96 ? 60  PRO A C   1 
ATOM   450 O O   . PRO A 1 67 ? 5.506   1.745   -11.647 1.00 10.79 ? 60  PRO A O   1 
ATOM   451 C CB  . PRO A 1 67 ? 3.549   1.315   -14.183 1.00 12.61 ? 60  PRO A CB  1 
ATOM   452 C CG  . PRO A 1 67 ? 3.484   2.323   -15.284 1.00 13.31 ? 60  PRO A CG  1 
ATOM   453 C CD  . PRO A 1 67 ? 2.439   3.294   -14.779 1.00 13.07 ? 60  PRO A CD  1 
ATOM   454 N N   . GLU A 1 68 ? 5.445   3.676   -12.804 1.00 11.57 ? 61  GLU A N   1 
ATOM   455 C CA  . GLU A 1 68 ? 6.768   4.109   -12.358 1.00 12.92 ? 61  GLU A CA  1 
ATOM   456 C C   . GLU A 1 68 ? 6.811   4.231   -10.837 1.00 11.76 ? 61  GLU A C   1 
ATOM   457 O O   . GLU A 1 68 ? 7.865   4.073   -10.219 1.00 12.09 ? 61  GLU A O   1 
ATOM   458 C CB  . GLU A 1 68 ? 7.132   5.467   -12.969 1.00 15.08 ? 61  GLU A CB  1 
ATOM   459 C CG  . GLU A 1 68 ? 7.359   5.464   -14.476 1.00 19.26 ? 61  GLU A CG  1 
ATOM   460 C CD  . GLU A 1 68 ? 6.128   5.048   -15.252 1.00 22.38 ? 61  GLU A CD  1 
ATOM   461 O OE1 . GLU A 1 68 ? 5.048   5.624   -15.008 1.00 21.40 ? 61  GLU A OE1 1 
ATOM   462 O OE2 . GLU A 1 68 ? 6.241   4.146   -16.110 1.00 27.57 ? 61  GLU A OE2 1 
ATOM   463 N N   . SER A 1 69 ? 5.659   4.514   -10.239 1.00 10.68 ? 62  SER A N   1 
ATOM   464 C CA  . SER A 1 69 ? 5.565   4.674   -8.796  1.00 10.91 ? 62  SER A CA  1 
ATOM   465 C C   . SER A 1 69 ? 5.762   3.380   -8.014  1.00 10.56 ? 62  SER A C   1 
ATOM   466 O O   . SER A 1 69 ? 6.086   3.412   -6.830  1.00 10.12 ? 62  SER A O   1 
ATOM   467 C CB  . SER A 1 69 ? 4.210   5.281   -8.429  1.00 10.29 ? 62  SER A CB  1 
ATOM   468 O OG  . SER A 1 69 ? 4.070   6.581   -8.974  1.00 9.59  ? 62  SER A OG  1 
ATOM   469 N N   . VAL A 1 70 ? 5.558   2.243   -8.668  1.00 9.29  ? 63  VAL A N   1 
ATOM   470 C CA  . VAL A 1 70 ? 5.710   0.957   -7.999  1.00 10.65 ? 63  VAL A CA  1 
ATOM   471 C C   . VAL A 1 70 ? 7.109   0.779   -7.422  1.00 10.23 ? 63  VAL A C   1 
ATOM   472 O O   . VAL A 1 70 ? 7.267   0.449   -6.245  1.00 10.26 ? 63  VAL A O   1 
ATOM   473 C CB  . VAL A 1 70 ? 5.403   -0.213  -8.965  1.00 10.13 ? 63  VAL A CB  1 
ATOM   474 C CG1 . VAL A 1 70 ? 5.772   -1.542  -8.321  1.00 13.04 ? 63  VAL A CG1 1 
ATOM   475 C CG2 . VAL A 1 70 ? 3.930   -0.197  -9.336  1.00 12.80 ? 63  VAL A CG2 1 
ATOM   476 N N   . SER A 1 71 ? 8.124   0.996   -8.251  1.00 9.77  ? 64  SER A N   1 
ATOM   477 C CA  . SER A 1 71 ? 9.499   0.853   -7.800  1.00 11.01 ? 64  SER A CA  1 
ATOM   478 C C   . SER A 1 71 ? 9.802   1.846   -6.687  1.00 10.51 ? 64  SER A C   1 
ATOM   479 O O   . SER A 1 71 ? 10.447  1.498   -5.694  1.00 11.45 ? 64  SER A O   1 
ATOM   480 C CB  . SER A 1 71 ? 10.468  1.069   -8.963  1.00 11.68 ? 64  SER A CB  1 
ATOM   481 O OG  . SER A 1 71 ? 11.801  0.864   -8.534  1.00 14.68 ? 64  SER A OG  1 
ATOM   482 N N   . TYR A 1 72 ? 9.333   3.083   -6.845  1.00 9.56  ? 65  TYR A N   1 
ATOM   483 C CA  . TYR A 1 72 ? 9.568   4.104   -5.830  1.00 10.03 ? 65  TYR A CA  1 
ATOM   484 C C   . TYR A 1 72 ? 8.961   3.688   -4.494  1.00 11.27 ? 65  TYR A C   1 
ATOM   485 O O   . TYR A 1 72 ? 9.611   3.773   -3.452  1.00 11.66 ? 65  TYR A O   1 
ATOM   486 C CB  . TYR A 1 72 ? 8.962   5.453   -6.240  1.00 11.26 ? 65  TYR A CB  1 
ATOM   487 C CG  . TYR A 1 72 ? 9.581   6.112   -7.452  1.00 13.42 ? 65  TYR A CG  1 
ATOM   488 C CD1 . TYR A 1 72 ? 10.946  6.001   -7.719  1.00 14.50 ? 65  TYR A CD1 1 
ATOM   489 C CD2 . TYR A 1 72 ? 8.804   6.891   -8.308  1.00 13.63 ? 65  TYR A CD2 1 
ATOM   490 C CE1 . TYR A 1 72 ? 11.520  6.650   -8.807  1.00 15.49 ? 65  TYR A CE1 1 
ATOM   491 C CE2 . TYR A 1 72 ? 9.368   7.547   -9.399  1.00 15.34 ? 65  TYR A CE2 1 
ATOM   492 C CZ  . TYR A 1 72 ? 10.725  7.422   -9.642  1.00 14.57 ? 65  TYR A CZ  1 
ATOM   493 O OH  . TYR A 1 72 ? 11.282  8.068   -10.724 1.00 15.08 ? 65  TYR A OH  1 
ATOM   494 N N   . ALA A 1 73 ? 7.710   3.237   -4.527  1.00 10.15 ? 66  ALA A N   1 
ATOM   495 C CA  . ALA A 1 73 ? 7.023   2.833   -3.308  1.00 11.21 ? 66  ALA A CA  1 
ATOM   496 C C   . ALA A 1 73 ? 7.741   1.711   -2.568  1.00 11.26 ? 66  ALA A C   1 
ATOM   497 O O   . ALA A 1 73 ? 7.929   1.783   -1.354  1.00 11.83 ? 66  ALA A O   1 
ATOM   498 C CB  . ALA A 1 73 ? 5.601   2.411   -3.630  1.00 8.78  ? 66  ALA A CB  1 
ATOM   499 N N   . ILE A 1 74 ? 8.145   0.675   -3.296  1.00 10.75 ? 67  ILE A N   1 
ATOM   500 C CA  . ILE A 1 74 ? 8.828   -0.453  -2.673  1.00 12.17 ? 67  ILE A CA  1 
ATOM   501 C C   . ILE A 1 74 ? 10.191  -0.052  -2.115  1.00 13.15 ? 67  ILE A C   1 
ATOM   502 O O   . ILE A 1 74 ? 10.522  -0.376  -0.974  1.00 14.42 ? 67  ILE A O   1 
ATOM   503 C CB  . ILE A 1 74 ? 9.014   -1.611  -3.679  1.00 12.76 ? 67  ILE A CB  1 
ATOM   504 C CG1 . ILE A 1 74 ? 7.648   -2.085  -4.184  1.00 12.69 ? 67  ILE A CG1 1 
ATOM   505 C CG2 . ILE A 1 74 ? 9.759   -2.763  -3.017  1.00 13.88 ? 67  ILE A CG2 1 
ATOM   506 C CD1 . ILE A 1 74 ? 7.725   -3.104  -5.314  1.00 13.20 ? 67  ILE A CD1 1 
ATOM   507 N N   . ALA A 1 75 ? 10.970  0.666   -2.916  1.00 12.56 ? 68  ALA A N   1 
ATOM   508 C CA  . ALA A 1 75 ? 12.302  1.098   -2.507  1.00 13.54 ? 68  ALA A CA  1 
ATOM   509 C C   . ALA A 1 75 ? 12.306  2.108   -1.358  1.00 14.11 ? 68  ALA A C   1 
ATOM   510 O O   . ALA A 1 75 ? 13.125  2.016   -0.443  1.00 16.95 ? 68  ALA A O   1 
ATOM   511 C CB  . ALA A 1 75 ? 13.046  1.680   -3.711  1.00 12.86 ? 68  ALA A CB  1 
ATOM   512 N N   . LEU A 1 76 ? 11.387  3.066   -1.407  1.00 13.58 ? 69  LEU A N   1 
ATOM   513 C CA  . LEU A 1 76 ? 11.299  4.114   -0.394  1.00 13.60 ? 69  LEU A CA  1 
ATOM   514 C C   . LEU A 1 76 ? 10.524  3.760   0.868   1.00 13.56 ? 69  LEU A C   1 
ATOM   515 O O   . LEU A 1 76 ? 10.864  4.220   1.958   1.00 15.18 ? 69  LEU A O   1 
ATOM   516 C CB  . LEU A 1 76 ? 10.640  5.362   -0.987  1.00 16.18 ? 69  LEU A CB  1 
ATOM   517 C CG  . LEU A 1 76 ? 11.238  6.093   -2.190  1.00 17.67 ? 69  LEU A CG  1 
ATOM   518 C CD1 . LEU A 1 76 ? 10.252  7.151   -2.663  1.00 20.03 ? 69  LEU A CD1 1 
ATOM   519 C CD2 . LEU A 1 76 ? 12.564  6.727   -1.811  1.00 18.34 ? 69  LEU A CD2 1 
ATOM   520 N N   . LEU A 1 77 ? 9.485   2.947   0.726   1.00 11.27 ? 70  LEU A N   1 
ATOM   521 C CA  . LEU A 1 77 ? 8.629   2.640   1.864   1.00 9.65  ? 70  LEU A CA  1 
ATOM   522 C C   . LEU A 1 77 ? 8.687   1.264   2.510   1.00 9.70  ? 70  LEU A C   1 
ATOM   523 O O   . LEU A 1 77 ? 8.194   1.091   3.625   1.00 9.90  ? 70  LEU A O   1 
ATOM   524 C CB  . LEU A 1 77 ? 7.184   2.955   1.476   1.00 9.80  ? 70  LEU A CB  1 
ATOM   525 C CG  . LEU A 1 77 ? 6.999   4.366   0.910   1.00 11.14 ? 70  LEU A CG  1 
ATOM   526 C CD1 . LEU A 1 77 ? 5.561   4.567   0.460   1.00 11.57 ? 70  LEU A CD1 1 
ATOM   527 C CD2 . LEU A 1 77 ? 7.387   5.387   1.964   1.00 12.91 ? 70  LEU A CD2 1 
ATOM   528 N N   . ASN A 1 78 ? 9.272   0.282   1.838   1.00 8.89  ? 71  ASN A N   1 
ATOM   529 C CA  . ASN A 1 78 ? 9.336   -1.039  2.442   1.00 10.13 ? 71  ASN A CA  1 
ATOM   530 C C   . ASN A 1 78 ? 10.177  -0.957  3.714   1.00 9.68  ? 71  ASN A C   1 
ATOM   531 O O   . ASN A 1 78 ? 11.282  -0.413  3.704   1.00 11.63 ? 71  ASN A O   1 
ATOM   532 C CB  . ASN A 1 78 ? 9.930   -2.049  1.456   1.00 10.59 ? 71  ASN A CB  1 
ATOM   533 C CG  . ASN A 1 78 ? 9.850   -3.478  1.963   1.00 11.90 ? 71  ASN A CG  1 
ATOM   534 O OD1 . ASN A 1 78 ? 8.881   -3.870  2.622   1.00 11.21 ? 71  ASN A OD1 1 
ATOM   535 N ND2 . ASN A 1 78 ? 10.866  -4.274  1.643   1.00 15.21 ? 71  ASN A ND2 1 
ATOM   536 N N   . GLY A 1 79 ? 9.630   -1.473  4.812   1.00 9.78  ? 72  GLY A N   1 
ATOM   537 C CA  . GLY A 1 79 ? 10.338  -1.458  6.080   1.00 9.45  ? 72  GLY A CA  1 
ATOM   538 C C   . GLY A 1 79 ? 10.139  -0.218  6.937   1.00 11.09 ? 72  GLY A C   1 
ATOM   539 O O   . GLY A 1 79 ? 10.580  -0.182  8.087   1.00 11.26 ? 72  GLY A O   1 
ATOM   540 N N   . ILE A 1 80 ? 9.486   0.801   6.393   1.00 10.69 ? 73  ILE A N   1 
ATOM   541 C CA  . ILE A 1 80 ? 9.246   2.029   7.146   1.00 11.33 ? 73  ILE A CA  1 
ATOM   542 C C   . ILE A 1 80 ? 8.364   1.754   8.355   1.00 11.54 ? 73  ILE A C   1 
ATOM   543 O O   . ILE A 1 80 ? 7.341   1.070   8.255   1.00 11.55 ? 73  ILE A O   1 
ATOM   544 C CB  . ILE A 1 80 ? 8.570   3.111   6.266   1.00 12.03 ? 73  ILE A CB  1 
ATOM   545 C CG1 . ILE A 1 80 ? 9.561   3.626   5.221   1.00 14.25 ? 73  ILE A CG1 1 
ATOM   546 C CG2 . ILE A 1 80 ? 8.054   4.255   7.138   1.00 14.43 ? 73  ILE A CG2 1 
ATOM   547 C CD1 . ILE A 1 80 ? 10.746  4.368   5.805   1.00 14.31 ? 73  ILE A CD1 1 
ATOM   548 N N   . ARG A 1 81 ? 8.768   2.278   9.505   1.00 11.61 ? 74  ARG A N   1 
ATOM   549 C CA  . ARG A 1 81 ? 7.999   2.079   10.721  1.00 13.21 ? 74  ARG A CA  1 
ATOM   550 C C   . ARG A 1 81 ? 6.835   3.052   10.790  1.00 14.26 ? 74  ARG A C   1 
ATOM   551 O O   . ARG A 1 81 ? 7.019   4.261   10.930  1.00 19.41 ? 74  ARG A O   1 
ATOM   552 C CB  . ARG A 1 81 ? 8.898   2.239   11.948  1.00 12.19 ? 74  ARG A CB  1 
ATOM   553 C CG  . ARG A 1 81 ? 9.918   1.125   12.101  1.00 13.66 ? 74  ARG A CG  1 
ATOM   554 C CD  . ARG A 1 81 ? 10.945  1.451   13.172  1.00 15.62 ? 74  ARG A CD  1 
ATOM   555 N NE  . ARG A 1 81 ? 11.942  0.395   13.310  1.00 17.44 ? 74  ARG A NE  1 
ATOM   556 C CZ  . ARG A 1 81 ? 11.763  -0.728  14.002  1.00 17.94 ? 74  ARG A CZ  1 
ATOM   557 N NH1 . ARG A 1 81 ? 10.618  -0.951  14.636  1.00 18.75 ? 74  ARG A NH1 1 
ATOM   558 N NH2 . ARG A 1 81 ? 12.728  -1.636  14.048  1.00 18.61 ? 74  ARG A NH2 1 
ATOM   559 N N   . LEU A 1 82 ? 5.633   2.512   10.658  1.00 12.17 ? 75  LEU A N   1 
ATOM   560 C CA  . LEU A 1 82 ? 4.420   3.299   10.733  1.00 10.95 ? 75  LEU A CA  1 
ATOM   561 C C   . LEU A 1 82 ? 3.863   2.920   12.102  1.00 11.47 ? 75  LEU A C   1 
ATOM   562 O O   . LEU A 1 82 ? 3.497   1.765   12.335  1.00 10.18 ? 75  LEU A O   1 
ATOM   563 C CB  . LEU A 1 82 ? 3.472   2.893   9.606   1.00 14.03 ? 75  LEU A CB  1 
ATOM   564 C CG  . LEU A 1 82 ? 2.275   3.787   9.296   1.00 14.29 ? 75  LEU A CG  1 
ATOM   565 C CD1 . LEU A 1 82 ? 2.716   5.238   9.120   1.00 15.99 ? 75  LEU A CD1 1 
ATOM   566 C CD2 . LEU A 1 82 ? 1.611   3.272   8.025   1.00 12.95 ? 75  LEU A CD2 1 
ATOM   567 N N   . TYR A 1 83 ? 3.820   3.895   13.004  1.00 10.73 ? 76  TYR A N   1 
ATOM   568 C CA  . TYR A 1 83 ? 3.375   3.668   14.373  1.00 10.80 ? 76  TYR A CA  1 
ATOM   569 C C   . TYR A 1 83 ? 4.256   2.588   15.002  1.00 10.53 ? 76  TYR A C   1 
ATOM   570 O O   . TYR A 1 83 ? 3.785   1.736   15.758  1.00 10.88 ? 76  TYR A O   1 
ATOM   571 C CB  . TYR A 1 83 ? 1.898   3.265   14.415  1.00 10.46 ? 76  TYR A CB  1 
ATOM   572 C CG  . TYR A 1 83 ? 0.966   4.410   14.087  1.00 11.22 ? 76  TYR A CG  1 
ATOM   573 C CD1 . TYR A 1 83 ? 0.875   5.526   14.924  1.00 10.71 ? 76  TYR A CD1 1 
ATOM   574 C CD2 . TYR A 1 83 ? 0.195   4.397   12.928  1.00 11.81 ? 76  TYR A CD2 1 
ATOM   575 C CE1 . TYR A 1 83 ? 0.040   6.599   14.607  1.00 11.43 ? 76  TYR A CE1 1 
ATOM   576 C CE2 . TYR A 1 83 ? -0.641  5.460   12.604  1.00 12.70 ? 76  TYR A CE2 1 
ATOM   577 C CZ  . TYR A 1 83 ? -0.713  6.556   13.443  1.00 12.88 ? 76  TYR A CZ  1 
ATOM   578 O OH  . TYR A 1 83 ? -1.534  7.609   13.107  1.00 14.80 ? 76  TYR A OH  1 
ATOM   579 N N   . GLY A 1 84 ? 5.542   2.638   14.659  1.00 11.05 ? 77  GLY A N   1 
ATOM   580 C CA  . GLY A 1 84 ? 6.513   1.703   15.200  1.00 10.59 ? 77  GLY A CA  1 
ATOM   581 C C   . GLY A 1 84 ? 6.678   0.355   14.520  1.00 12.21 ? 77  GLY A C   1 
ATOM   582 O O   . GLY A 1 84 ? 7.689   -0.316  14.729  1.00 13.32 ? 77  GLY A O   1 
ATOM   583 N N   . ARG A 1 85 ? 5.705   -0.040  13.706  1.00 10.98 ? 78  ARG A N   1 
ATOM   584 C CA  . ARG A 1 85 ? 5.740   -1.332  13.019  1.00 11.39 ? 78  ARG A CA  1 
ATOM   585 C C   . ARG A 1 85 ? 6.279   -1.216  11.594  1.00 11.18 ? 78  ARG A C   1 
ATOM   586 O O   . ARG A 1 85 ? 5.718   -0.490  10.777  1.00 10.58 ? 78  ARG A O   1 
ATOM   587 C CB  . ARG A 1 85 ? 4.329   -1.933  12.979  1.00 13.34 ? 78  ARG A CB  1 
ATOM   588 C CG  . ARG A 1 85 ? 3.742   -2.294  14.342  1.00 15.10 ? 78  ARG A CG  1 
ATOM   589 C CD  . ARG A 1 85 ? 4.253   -3.645  14.832  1.00 17.66 ? 78  ARG A CD  1 
ATOM   590 N NE  . ARG A 1 85 ? 3.793   -4.743  13.984  1.00 20.15 ? 78  ARG A NE  1 
ATOM   591 C CZ  . ARG A 1 85 ? 2.528   -5.149  13.897  1.00 20.46 ? 78  ARG A CZ  1 
ATOM   592 N NH1 . ARG A 1 85 ? 1.584   -4.551  14.613  1.00 19.79 ? 78  ARG A NH1 1 
ATOM   593 N NH2 . ARG A 1 85 ? 2.203   -6.150  13.089  1.00 22.39 ? 78  ARG A NH2 1 
ATOM   594 N N   . PRO A 1 86 ? 7.373   -1.931  11.275  1.00 11.22 ? 79  PRO A N   1 
ATOM   595 C CA  . PRO A 1 86 ? 7.921   -1.854  9.913   1.00 11.04 ? 79  PRO A CA  1 
ATOM   596 C C   . PRO A 1 86 ? 6.932   -2.450  8.917   1.00 11.52 ? 79  PRO A C   1 
ATOM   597 O O   . PRO A 1 86 ? 6.631   -3.641  8.976   1.00 11.76 ? 79  PRO A O   1 
ATOM   598 C CB  . PRO A 1 86 ? 9.201   -2.685  10.002  1.00 11.86 ? 79  PRO A CB  1 
ATOM   599 C CG  . PRO A 1 86 ? 9.585   -2.586  11.453  1.00 14.65 ? 79  PRO A CG  1 
ATOM   600 C CD  . PRO A 1 86 ? 8.255   -2.724  12.148  1.00 11.86 ? 79  PRO A CD  1 
ATOM   601 N N   . ILE A 1 87 ? 6.429   -1.630  8.003   1.00 9.94  ? 80  ILE A N   1 
ATOM   602 C CA  . ILE A 1 87 ? 5.471   -2.129  7.029   1.00 9.30  ? 80  ILE A CA  1 
ATOM   603 C C   . ILE A 1 87 ? 6.140   -2.966  5.948   1.00 10.02 ? 80  ILE A C   1 
ATOM   604 O O   . ILE A 1 87 ? 7.344   -2.847  5.700   1.00 10.96 ? 80  ILE A O   1 
ATOM   605 C CB  . ILE A 1 87 ? 4.689   -0.979  6.353   1.00 10.53 ? 80  ILE A CB  1 
ATOM   606 C CG1 . ILE A 1 87 ? 5.645   -0.045  5.606   1.00 10.08 ? 80  ILE A CG1 1 
ATOM   607 C CG2 . ILE A 1 87 ? 3.891   -0.220  7.403   1.00 10.78 ? 80  ILE A CG2 1 
ATOM   608 C CD1 . ILE A 1 87 ? 4.938   1.069   4.841   1.00 9.73  ? 80  ILE A CD1 1 
ATOM   609 N N   . ASN A 1 88 ? 5.348   -3.833  5.328   1.00 9.29  ? 81  ASN A N   1 
ATOM   610 C CA  . ASN A 1 88 ? 5.832   -4.680  4.250   1.00 9.81  ? 81  ASN A CA  1 
ATOM   611 C C   . ASN A 1 88 ? 5.201   -4.183  2.961   1.00 10.26 ? 81  ASN A C   1 
ATOM   612 O O   . ASN A 1 88 ? 3.982   -4.207  2.810   1.00 13.18 ? 81  ASN A O   1 
ATOM   613 C CB  . ASN A 1 88 ? 5.431   -6.141  4.479   1.00 13.11 ? 81  ASN A CB  1 
ATOM   614 C CG  . ASN A 1 88 ? 6.084   -6.740  5.705   1.00 17.06 ? 81  ASN A CG  1 
ATOM   615 O OD1 . ASN A 1 88 ? 7.290   -6.605  5.906   1.00 20.43 ? 81  ASN A OD1 1 
ATOM   616 N ND2 . ASN A 1 88 ? 5.291   -7.420  6.527   1.00 20.93 ? 81  ASN A ND2 1 
ATOM   617 N N   . VAL A 1 89 ? 6.030   -3.714  2.040   1.00 10.11 ? 82  VAL A N   1 
ATOM   618 C CA  . VAL A 1 89 ? 5.525   -3.228  0.764   1.00 8.87  ? 82  VAL A CA  1 
ATOM   619 C C   . VAL A 1 89 ? 6.036   -4.151  -0.330  1.00 10.80 ? 82  VAL A C   1 
ATOM   620 O O   . VAL A 1 89 ? 7.246   -4.344  -0.471  1.00 11.05 ? 82  VAL A O   1 
ATOM   621 C CB  . VAL A 1 89 ? 6.007   -1.786  0.479   1.00 8.23  ? 82  VAL A CB  1 
ATOM   622 C CG1 . VAL A 1 89 ? 5.422   -1.299  -0.840  1.00 8.23  ? 82  VAL A CG1 1 
ATOM   623 C CG2 . VAL A 1 89 ? 5.598   -0.860  1.620   1.00 9.89  ? 82  VAL A CG2 1 
ATOM   624 N N   . SER A 1 90 ? 5.116   -4.739  -1.090  1.00 11.43 ? 83  SER A N   1 
ATOM   625 C CA  . SER A 1 90 ? 5.496   -5.639  -2.172  1.00 11.46 ? 83  SER A CA  1 
ATOM   626 C C   . SER A 1 90 ? 4.782   -5.239  -3.457  1.00 11.49 ? 83  SER A C   1 
ATOM   627 O O   . SER A 1 90 ? 3.712   -4.626  -3.428  1.00 11.60 ? 83  SER A O   1 
ATOM   628 C CB  . SER A 1 90 ? 5.167   -7.090  -1.808  1.00 13.26 ? 83  SER A CB  1 
ATOM   629 O OG  . SER A 1 90 ? 3.783   -7.352  -1.912  1.00 14.63 ? 83  SER A OG  1 
ATOM   630 N N   . GLY A 1 91 ? 5.378   -5.592  -4.588  1.00 10.54 ? 84  GLY A N   1 
ATOM   631 C CA  . GLY A 1 91 ? 4.797   -5.227  -5.862  1.00 9.59  ? 84  GLY A CA  1 
ATOM   632 C C   . GLY A 1 91 ? 4.148   -6.345  -6.653  1.00 10.59 ? 84  GLY A C   1 
ATOM   633 O O   . GLY A 1 91 ? 4.161   -7.512  -6.244  1.00 10.04 ? 84  GLY A O   1 
ATOM   634 N N   . PRO A 1 92 ? 3.568   -6.004  -7.812  1.00 10.93 ? 85  PRO A N   1 
ATOM   635 C CA  . PRO A 1 92 ? 2.892   -6.946  -8.705  1.00 11.96 ? 85  PRO A CA  1 
ATOM   636 C C   . PRO A 1 92 ? 3.870   -7.912  -9.365  1.00 14.04 ? 85  PRO A C   1 
ATOM   637 O O   . PRO A 1 92 ? 4.579   -7.556  -10.307 1.00 19.17 ? 85  PRO A O   1 
ATOM   638 C CB  . PRO A 1 92 ? 2.192   -6.026  -9.703  1.00 10.69 ? 85  PRO A CB  1 
ATOM   639 C CG  . PRO A 1 92 ? 3.121   -4.859  -9.788  1.00 12.32 ? 85  PRO A CG  1 
ATOM   640 C CD  . PRO A 1 92 ? 3.512   -4.632  -8.350  1.00 11.01 ? 85  PRO A CD  1 
ATOM   641 N N   . SER A 1 93 ? 3.901   -9.137  -8.857  1.00 12.07 ? 86  SER A N   1 
ATOM   642 C CA  . SER A 1 93 ? 4.800   -10.158 -9.374  1.00 12.11 ? 86  SER A CA  1 
ATOM   643 C C   . SER A 1 93 ? 4.033   -11.366 -9.888  1.00 12.40 ? 86  SER A C   1 
ATOM   644 O O   . SER A 1 93 ? 2.873   -11.578 -9.536  1.00 12.09 ? 86  SER A O   1 
ATOM   645 C CB  . SER A 1 93 ? 5.751   -10.620 -8.271  1.00 13.72 ? 86  SER A CB  1 
ATOM   646 O OG  . SER A 1 93 ? 6.395   -9.525  -7.647  1.00 15.96 ? 86  SER A OG  1 
ATOM   647 N N   . SER A 1 94 ? 4.697   -12.157 -10.724 1.00 12.44 ? 87  SER A N   1 
ATOM   648 C CA  . SER A 1 94 ? 4.114   -13.375 -11.274 1.00 13.07 ? 87  SER A CA  1 
ATOM   649 C C   . SER A 1 94 ? 5.260   -14.312 -11.634 1.00 12.88 ? 87  SER A C   1 
ATOM   650 O O   . SER A 1 94 ? 6.429   -13.937 -11.529 1.00 13.55 ? 87  SER A O   1 
ATOM   651 C CB  . SER A 1 94 ? 3.261   -13.068 -12.514 1.00 14.67 ? 87  SER A CB  1 
ATOM   652 O OG  . SER A 1 94 ? 4.039   -12.568 -13.585 1.00 16.61 ? 87  SER A OG  1 
ATOM   653 N N   . GLY A 1 95 ? 4.933   -15.530 -12.045 1.00 12.79 ? 88  GLY A N   1 
ATOM   654 C CA  . GLY A 1 95 ? 5.979   -16.471 -12.393 1.00 12.81 ? 88  GLY A CA  1 
ATOM   655 C C   . GLY A 1 95 ? 6.768   -16.886 -11.166 1.00 13.38 ? 88  GLY A C   1 
ATOM   656 O O   . GLY A 1 95 ? 6.235   -16.752 -10.042 1.00 12.77 ? 88  GLY A O   1 
ATOM   657 O OXT . GLY A 1 95 ? 7.913   -17.355 -11.330 1.00 12.87 ? 88  GLY A OXT 1 
HETATM 658 O O   . HOH B 2 .  ? 1.600   7.439   -9.911  1.00 8.42  ? 89  HOH A O   1 
HETATM 659 O O   . HOH B 2 .  ? 2.443   -0.251  10.586  1.00 10.81 ? 90  HOH A O   1 
HETATM 660 O O   . HOH B 2 .  ? -10.866 -0.413  -11.229 1.00 10.53 ? 91  HOH A O   1 
HETATM 661 O O   . HOH B 2 .  ? -3.598  11.218  -5.712  1.00 12.29 ? 92  HOH A O   1 
HETATM 662 O O   . HOH B 2 .  ? -2.168  0.412   18.983  1.00 9.78  ? 93  HOH A O   1 
HETATM 663 O O   . HOH B 2 .  ? -9.348  3.366   7.180   1.00 13.37 ? 94  HOH A O   1 
HETATM 664 O O   . HOH B 2 .  ? 13.925  -0.370  -9.450  1.00 12.19 ? 95  HOH A O   1 
HETATM 665 O O   . HOH B 2 .  ? -6.060  -2.026  -8.118  1.00 12.83 ? 96  HOH A O   1 
HETATM 666 O O   . HOH B 2 .  ? -6.356  0.268   -3.705  1.00 12.84 ? 97  HOH A O   1 
HETATM 667 O O   . HOH B 2 .  ? 7.855   -3.046  15.821  1.00 15.79 ? 98  HOH A O   1 
HETATM 668 O O   . HOH B 2 .  ? 7.971   0.645   -11.230 1.00 17.27 ? 99  HOH A O   1 
HETATM 669 O O   . HOH B 2 .  ? 9.232   -16.908 -13.640 1.00 15.76 ? 100 HOH A O   1 
HETATM 670 O O   . HOH B 2 .  ? 4.573   -9.150  -4.128  1.00 15.23 ? 101 HOH A O   1 
HETATM 671 O O   . HOH B 2 .  ? -4.879  -9.270  9.076   1.00 15.47 ? 102 HOH A O   1 
HETATM 672 O O   . HOH B 2 .  ? 4.486   -3.062  -12.862 1.00 16.72 ? 103 HOH A O   1 
HETATM 673 O O   . HOH B 2 .  ? 10.226  3.817   -11.534 1.00 19.63 ? 104 HOH A O   1 
HETATM 674 O O   . HOH B 2 .  ? 1.699   -3.445  16.861  1.00 17.10 ? 105 HOH A O   1 
HETATM 675 O O   . HOH B 2 .  ? 0.310   0.343   -15.763 1.00 18.01 ? 106 HOH A O   1 
HETATM 676 O O   . HOH B 2 .  ? 2.531   12.692  -5.757  1.00 17.58 ? 107 HOH A O   1 
HETATM 677 O O   . HOH B 2 .  ? 7.929   -6.882  -4.306  1.00 16.28 ? 108 HOH A O   1 
HETATM 678 O O   . HOH B 2 .  ? 12.036  -1.053  -5.882  1.00 19.96 ? 109 HOH A O   1 
HETATM 679 O O   . HOH B 2 .  ? 2.901   -8.718  5.330   1.00 22.47 ? 110 HOH A O   1 
HETATM 680 O O   . HOH B 2 .  ? 4.148   6.757   12.465  1.00 22.70 ? 111 HOH A O   1 
HETATM 681 O O   . HOH B 2 .  ? 8.976   -6.254  -1.430  1.00 16.20 ? 112 HOH A O   1 
HETATM 682 O O   . HOH B 2 .  ? -7.139  -2.075  9.915   1.00 21.76 ? 113 HOH A O   1 
HETATM 683 O O   . HOH B 2 .  ? 8.841   12.609  1.106   1.00 19.45 ? 114 HOH A O   1 
HETATM 684 O O   . HOH B 2 .  ? -5.262  -5.047  -14.229 1.00 21.43 ? 115 HOH A O   1 
HETATM 685 O O   . HOH B 2 .  ? 2.330   12.989  0.857   1.00 20.80 ? 116 HOH A O   1 
HETATM 686 O O   . HOH B 2 .  ? -4.769  -0.677  10.347  1.00 27.27 ? 117 HOH A O   1 
HETATM 687 O O   . HOH B 2 .  ? -1.486  -4.095  15.400  1.00 17.55 ? 118 HOH A O   1 
HETATM 688 O O   . HOH B 2 .  ? 1.925   -1.404  -17.166 1.00 19.85 ? 119 HOH A O   1 
HETATM 689 O O   . HOH B 2 .  ? -0.857  -5.886  12.696  1.00 25.32 ? 120 HOH A O   1 
HETATM 690 O O   . HOH B 2 .  ? -12.090 -2.001  2.464   1.00 20.77 ? 121 HOH A O   1 
HETATM 691 O O   . HOH B 2 .  ? 4.841   -14.433 -15.393 1.00 27.59 ? 122 HOH A O   1 
HETATM 692 O O   . HOH B 2 .  ? 13.377  -0.211  5.890   1.00 31.28 ? 123 HOH A O   1 
HETATM 693 O O   . HOH B 2 .  ? -9.820  5.296   0.335   1.00 23.91 ? 124 HOH A O   1 
HETATM 694 O O   . HOH B 2 .  ? 8.841   12.072  -2.589  1.00 24.89 ? 125 HOH A O   1 
HETATM 695 O O   . HOH B 2 .  ? -11.557 -5.169  1.158   1.00 19.73 ? 126 HOH A O   1 
HETATM 696 O O   . HOH B 2 .  ? -0.458  12.218  -13.171 1.00 25.04 ? 127 HOH A O   1 
HETATM 697 O O   . HOH B 2 .  ? 6.158   -6.573  13.041  1.00 27.94 ? 128 HOH A O   1 
HETATM 698 O O   . HOH B 2 .  ? -10.718 1.924   -2.200  1.00 22.10 ? 129 HOH A O   1 
HETATM 699 O O   . HOH B 2 .  ? -3.995  -2.931  11.332  1.00 29.40 ? 130 HOH A O   1 
HETATM 700 O O   . HOH B 2 .  ? -7.387  -6.093  11.775  1.00 28.46 ? 131 HOH A O   1 
HETATM 701 O O   . HOH B 2 .  ? -11.767 0.461   1.359   1.00 30.56 ? 132 HOH A O   1 
HETATM 702 O O   . HOH B 2 .  ? -20.052 -14.288 1.937   1.00 26.63 ? 133 HOH A O   1 
HETATM 703 O O   . HOH B 2 .  ? 10.651  -7.381  1.912   1.00 27.37 ? 134 HOH A O   1 
HETATM 704 O O   . HOH B 2 .  ? -4.436  6.997   13.116  1.00 27.56 ? 135 HOH A O   1 
HETATM 705 O O   . HOH B 2 .  ? 13.021  3.201   -7.848  1.00 26.38 ? 136 HOH A O   1 
HETATM 706 O O   . HOH B 2 .  ? 6.671   5.285   14.066  1.00 28.60 ? 137 HOH A O   1 
HETATM 707 O O   . HOH B 2 .  ? -3.799  5.921   -14.590 1.00 21.28 ? 138 HOH A O   1 
HETATM 708 O O   . HOH B 2 .  ? 7.976   -5.846  8.248   1.00 26.21 ? 139 HOH A O   1 
HETATM 709 O O   . HOH B 2 .  ? -6.448  12.597  -8.800  1.00 23.44 ? 140 HOH A O   1 
HETATM 710 O O   . HOH B 2 .  ? -6.802  4.846   14.627  1.00 39.73 ? 141 HOH A O   1 
HETATM 711 O O   . HOH B 2 .  ? -11.315 5.442   4.552   1.00 34.29 ? 142 HOH A O   1 
HETATM 712 O O   . HOH B 2 .  ? -7.611  3.462   -13.379 1.00 18.11 ? 143 HOH A O   1 
HETATM 713 O O   . HOH B 2 .  ? 12.941  5.915   2.154   1.00 33.90 ? 144 HOH A O   1 
HETATM 714 O O   . HOH B 2 .  ? 11.071  9.245   0.551   1.00 24.57 ? 145 HOH A O   1 
HETATM 715 O O   . HOH B 2 .  ? -7.384  -1.670  14.142  1.00 36.35 ? 146 HOH A O   1 
HETATM 716 O O   . HOH B 2 .  ? 5.726   -8.980  8.953   1.00 29.73 ? 147 HOH A O   1 
HETATM 717 O O   . HOH B 2 .  ? -1.848  -2.212  19.688  1.00 14.95 ? 148 HOH A O   1 
HETATM 718 O O   . HOH B 2 .  ? -4.988  0.739   18.740  1.00 13.72 ? 149 HOH A O   1 
HETATM 719 O O   . HOH B 2 .  ? -6.587  -1.895  -5.430  1.00 15.67 ? 150 HOH A O   1 
HETATM 720 O O   . HOH B 2 .  ? -2.535  13.663  -6.631  1.00 18.05 ? 151 HOH A O   1 
HETATM 721 O O   . HOH B 2 .  ? 8.320   -8.850  -1.165  1.00 17.20 ? 152 HOH A O   1 
HETATM 722 O O   . HOH B 2 .  ? 0.223   14.024  -6.777  1.00 22.10 ? 153 HOH A O   1 
HETATM 723 O O   . HOH B 2 .  ? 11.576  -5.895  -1.713  1.00 19.64 ? 154 HOH A O   1 
HETATM 724 O O   . HOH B 2 .  ? -10.237 0.867   7.708   1.00 24.24 ? 155 HOH A O   1 
HETATM 725 O O   . HOH B 2 .  ? -2.888  13.294  -11.555 1.00 23.44 ? 156 HOH A O   1 
HETATM 726 O O   . HOH B 2 .  ? -3.989  -5.379  14.063  1.00 26.69 ? 157 HOH A O   1 
HETATM 727 O O   . HOH B 2 .  ? -5.882  -8.504  11.314  1.00 31.69 ? 158 HOH A O   1 
HETATM 728 O O   . HOH B 2 .  ? 12.896  -2.243  -3.768  1.00 23.89 ? 159 HOH A O   1 
HETATM 729 O O   . HOH B 2 .  ? 1.674   8.076   11.479  1.00 24.33 ? 160 HOH A O   1 
HETATM 730 O O   . HOH B 2 .  ? -8.401  0.311   9.557   1.00 25.71 ? 161 HOH A O   1 
HETATM 731 O O   . HOH B 2 .  ? -4.087  13.984  -8.985  1.00 28.96 ? 162 HOH A O   1 
HETATM 732 O O   . HOH B 2 .  ? -5.328  6.696   15.646  1.00 33.00 ? 163 HOH A O   1 
HETATM 733 O O   . HOH B 2 .  ? 3.901   -16.969 -15.097 1.00 29.28 ? 164 HOH A O   1 
HETATM 734 O O   . HOH B 2 .  ? 8.473   -8.833  9.583   1.00 30.30 ? 165 HOH A O   1 
HETATM 735 O O   . HOH B 2 .  ? -5.959  -1.750  19.345  1.00 20.25 ? 166 HOH A O   1 
HETATM 736 O O   . HOH B 2 .  ? -6.696  1.662   16.756  1.00 21.16 ? 167 HOH A O   1 
HETATM 737 O O   . HOH B 2 .  ? 7.066   -8.661  1.252   1.00 28.14 ? 168 HOH A O   1 
# 
